data_3U1T
#
_entry.id   3U1T
#
_cell.length_a   99.784
_cell.length_b   99.784
_cell.length_c   122.004
_cell.angle_alpha   90.00
_cell.angle_beta   90.00
_cell.angle_gamma   120.00
#
_symmetry.space_group_name_H-M   'P 62'
#
loop_
_entity.id
_entity.type
_entity.pdbx_description
1 polymer 'DmmA Haloalkane Dehalogenase'
2 non-polymer 'CHLORIDE ION'
3 non-polymer 'MALONATE ION'
4 water water
#
_entity_poly.entity_id   1
_entity_poly.type   'polypeptide(L)'
_entity_poly.pdbx_seq_one_letter_code
;(MSE)ASSSEFPFAKRTVEVEGATIAYVDEGSGQPVLFLHGNPTSSYLWRNIIPYVVAAGYRAVAPDLIG(MSE)GDSAK
PDIEYRLQDHVAY(MSE)DGFIDALGLDD(MSE)VLVIHDWGSVIG(MSE)RHARLNPDRVAAVAF(MSE)EALVPPALP
(MSE)PSYEA(MSE)GPQLGPLFRDLRTADVGEK(MSE)VLDGNFFVETILPE(MSE)GVVRSLSEAE(MSE)AAYRAPF
PTRQSRLPTLQWPREVPIGGEPAFAEAEVLKNGEWL(MSE)ASPIPKLLFHAEPGALAPKPVVDYLSENVPNLEVRFVGA
GTHFLQEDHPHLIGQGIADWLRRNKPHASLEHHHHHH
;
_entity_poly.pdbx_strand_id   A,B
#
loop_
_chem_comp.id
_chem_comp.type
_chem_comp.name
_chem_comp.formula
CL non-polymer 'CHLORIDE ION' 'Cl -1'
MLI non-polymer 'MALONATE ION' 'C3 H2 O4 -2'
#
# COMPACT_ATOMS: atom_id res chain seq x y z
N SER A 4 17.63 -4.23 10.97
CA SER A 4 16.28 -3.59 11.08
C SER A 4 16.29 -2.51 12.16
N SER A 5 16.95 -2.81 13.27
CA SER A 5 17.34 -1.79 14.24
C SER A 5 18.71 -1.22 13.86
N GLU A 6 19.38 -1.87 12.91
CA GLU A 6 20.67 -1.44 12.39
C GLU A 6 20.58 -0.07 11.70
N PHE A 7 21.65 0.71 11.83
CA PHE A 7 21.77 2.01 11.15
C PHE A 7 23.07 2.04 10.34
N PRO A 8 23.04 1.45 9.13
CA PRO A 8 24.28 1.20 8.37
C PRO A 8 24.68 2.42 7.56
N PHE A 9 24.55 3.59 8.15
CA PHE A 9 24.92 4.84 7.49
C PHE A 9 25.90 5.62 8.35
N ALA A 10 26.96 6.12 7.73
CA ALA A 10 27.81 7.10 8.37
C ALA A 10 27.06 8.42 8.32
N LYS A 11 27.30 9.31 9.27
CA LYS A 11 26.70 10.64 9.21
C LYS A 11 27.76 11.65 8.85
N ARG A 12 27.35 12.70 8.16
CA ARG A 12 28.19 13.84 7.86
C ARG A 12 27.73 15.00 8.74
N THR A 13 28.56 16.02 8.85
CA THR A 13 28.21 17.20 9.64
C THR A 13 28.49 18.45 8.85
N VAL A 14 27.62 19.44 9.04
CA VAL A 14 27.75 20.70 8.36
C VAL A 14 27.38 21.82 9.37
N GLU A 15 28.04 22.98 9.26
CA GLU A 15 27.71 24.13 10.10
C GLU A 15 26.52 24.93 9.53
N VAL A 16 25.50 25.15 10.36
CA VAL A 16 24.34 25.95 9.99
C VAL A 16 24.04 26.91 11.14
N GLU A 17 23.96 28.21 10.84
CA GLU A 17 23.76 29.26 11.84
C GLU A 17 24.65 29.10 13.06
N GLY A 18 25.94 28.81 12.84
CA GLY A 18 26.90 28.67 13.91
C GLY A 18 26.92 27.33 14.63
N ALA A 19 25.99 26.44 14.30
CA ALA A 19 25.92 25.15 14.98
C ALA A 19 26.00 23.98 14.02
N THR A 20 26.26 22.78 14.55
CA THR A 20 26.41 21.59 13.73
C THR A 20 25.08 20.89 13.46
N ILE A 21 24.82 20.58 12.20
CA ILE A 21 23.74 19.68 11.82
C ILE A 21 24.37 18.39 11.29
N ALA A 22 23.96 17.26 11.88
CA ALA A 22 24.37 15.94 11.41
C ALA A 22 23.34 15.44 10.42
N TYR A 23 23.79 14.70 9.40
CA TYR A 23 22.88 14.17 8.38
C TYR A 23 23.35 12.91 7.67
N VAL A 24 22.40 12.07 7.31
CA VAL A 24 22.65 10.97 6.39
C VAL A 24 22.68 11.53 4.97
N ASP A 25 23.61 11.01 4.18
CA ASP A 25 23.79 11.44 2.79
C ASP A 25 24.23 10.22 1.96
N GLU A 26 23.28 9.65 1.23
CA GLU A 26 23.45 8.39 0.51
C GLU A 26 22.96 8.52 -0.94
N GLY A 27 23.64 7.86 -1.87
CA GLY A 27 23.26 7.91 -3.29
C GLY A 27 23.75 9.17 -4.00
N SER A 28 23.17 9.47 -5.16
CA SER A 28 23.59 10.61 -5.96
C SER A 28 22.46 11.15 -6.82
N GLY A 29 22.60 12.39 -7.26
CA GLY A 29 21.62 12.98 -8.19
C GLY A 29 20.54 13.74 -7.46
N GLN A 30 19.30 13.59 -7.91
CA GLN A 30 18.17 14.37 -7.38
C GLN A 30 17.95 14.07 -5.89
N PRO A 31 17.85 15.13 -5.06
CA PRO A 31 17.73 14.89 -3.63
C PRO A 31 16.32 14.60 -3.13
N VAL A 32 16.23 13.59 -2.28
CA VAL A 32 15.04 13.30 -1.51
C VAL A 32 15.38 13.68 -0.07
N LEU A 33 14.76 14.75 0.42
CA LEU A 33 15.04 15.22 1.76
C LEU A 33 14.01 14.67 2.75
N PHE A 34 14.51 13.92 3.74
CA PHE A 34 13.67 13.30 4.77
C PHE A 34 13.66 14.18 6.02
N LEU A 35 12.48 14.58 6.47
CA LEU A 35 12.38 15.38 7.69
C LEU A 35 11.55 14.69 8.78
N HIS A 36 12.21 14.34 9.88
CA HIS A 36 11.56 13.73 11.05
C HIS A 36 10.90 14.77 11.96
N GLY A 37 10.19 14.30 12.99
CA GLY A 37 9.58 15.17 13.99
C GLY A 37 9.98 14.76 15.39
N ASN A 38 9.03 14.90 16.31
CA ASN A 38 9.26 14.67 17.74
C ASN A 38 8.86 13.24 18.18
N PRO A 39 9.72 12.55 18.96
CA PRO A 39 11.05 12.91 19.41
C PRO A 39 12.12 12.07 18.70
N THR A 40 12.07 12.02 17.37
CA THR A 40 12.87 11.08 16.62
C THR A 40 14.13 11.75 16.04
N SER A 41 14.70 11.10 15.04
CA SER A 41 15.87 11.64 14.33
C SER A 41 15.90 10.97 12.97
N SER A 42 16.99 11.15 12.23
CA SER A 42 17.17 10.45 10.95
C SER A 42 17.08 8.92 11.09
N TYR A 43 17.28 8.42 12.32
CA TYR A 43 17.14 6.99 12.61
C TYR A 43 15.76 6.49 12.18
N LEU A 44 14.74 7.34 12.33
CA LEU A 44 13.37 6.98 11.97
C LEU A 44 13.21 6.51 10.50
N TRP A 45 14.09 7.00 9.63
CA TRP A 45 14.01 6.73 8.20
C TRP A 45 14.93 5.63 7.72
N ARG A 46 15.63 4.98 8.65
CA ARG A 46 16.72 4.07 8.30
C ARG A 46 16.33 2.93 7.36
N ASN A 47 15.09 2.44 7.49
CA ASN A 47 14.61 1.29 6.70
C ASN A 47 13.86 1.73 5.43
N ILE A 48 13.74 3.03 5.24
CA ILE A 48 13.04 3.60 4.09
C ILE A 48 14.04 4.16 3.06
N ILE A 49 15.03 4.88 3.56
CA ILE A 49 16.14 5.43 2.77
C ILE A 49 16.69 4.49 1.67
N PRO A 50 16.94 3.18 1.98
CA PRO A 50 17.53 2.35 0.91
C PRO A 50 16.67 2.24 -0.35
N TYR A 51 15.36 2.41 -0.21
CA TYR A 51 14.46 2.32 -1.37
C TYR A 51 14.64 3.47 -2.36
N VAL A 52 14.80 4.69 -1.85
CA VAL A 52 15.01 5.83 -2.76
C VAL A 52 16.43 5.88 -3.36
N VAL A 53 17.42 5.38 -2.61
CA VAL A 53 18.78 5.26 -3.13
C VAL A 53 18.80 4.27 -4.30
N ALA A 54 18.19 3.09 -4.10
CA ALA A 54 18.13 2.07 -5.15
C ALA A 54 17.28 2.55 -6.33
N ALA A 55 16.36 3.47 -6.10
CA ALA A 55 15.58 4.09 -7.18
C ALA A 55 16.41 5.12 -7.96
N GLY A 56 17.64 5.39 -7.53
CA GLY A 56 18.52 6.31 -8.24
C GLY A 56 18.56 7.74 -7.74
N TYR A 57 18.04 7.97 -6.52
CA TYR A 57 18.02 9.30 -5.91
C TYR A 57 19.10 9.49 -4.85
N ARG A 58 19.31 10.74 -4.42
CA ARG A 58 20.18 11.03 -3.30
C ARG A 58 19.35 11.22 -2.04
N ALA A 59 19.54 10.34 -1.07
CA ALA A 59 18.77 10.41 0.17
C ALA A 59 19.49 11.32 1.15
N VAL A 60 18.83 12.39 1.56
CA VAL A 60 19.39 13.33 2.52
C VAL A 60 18.46 13.41 3.75
N ALA A 61 18.98 12.99 4.89
CA ALA A 61 18.20 12.94 6.10
C ALA A 61 18.94 13.60 7.27
N PRO A 62 18.64 14.88 7.54
CA PRO A 62 19.24 15.59 8.67
C PRO A 62 18.54 15.29 10.00
N ASP A 63 19.29 15.44 11.10
CA ASP A 63 18.73 15.49 12.43
C ASP A 63 18.42 16.96 12.74
N LEU A 64 17.19 17.24 13.16
CA LEU A 64 16.79 18.60 13.56
C LEU A 64 17.73 19.11 14.65
N ILE A 65 17.86 20.43 14.75
CA ILE A 65 18.74 21.02 15.74
C ILE A 65 18.36 20.51 17.14
N GLY A 66 19.36 20.16 17.95
CA GLY A 66 19.12 19.65 19.30
C GLY A 66 18.66 18.20 19.37
N MSE A 67 18.65 17.53 18.22
CA MSE A 67 18.13 16.15 18.14
C MSE A 67 19.11 15.27 17.38
O MSE A 67 19.99 15.78 16.69
CB MSE A 67 16.74 16.14 17.50
CG MSE A 67 15.79 17.12 18.17
SE MSE A 67 13.98 17.15 17.47
CE MSE A 67 13.35 15.51 18.33
N GLY A 68 18.97 13.95 17.52
CA GLY A 68 19.90 13.02 16.90
C GLY A 68 21.32 13.39 17.27
N ASP A 69 22.19 13.49 16.26
CA ASP A 69 23.60 13.83 16.46
C ASP A 69 23.92 15.30 16.16
N SER A 70 22.89 16.09 15.94
CA SER A 70 23.08 17.52 15.75
C SER A 70 23.47 18.19 17.06
N ALA A 71 23.99 19.42 16.95
CA ALA A 71 24.41 20.21 18.09
C ALA A 71 23.24 20.53 19.03
N LYS A 72 23.59 20.86 20.27
CA LYS A 72 22.62 21.27 21.29
C LYS A 72 22.86 22.72 21.76
N PRO A 73 22.64 23.71 20.89
CA PRO A 73 22.84 25.10 21.30
C PRO A 73 21.79 25.59 22.31
N ASP A 74 22.14 26.65 23.03
CA ASP A 74 21.26 27.28 24.01
C ASP A 74 20.21 28.15 23.30
N ILE A 75 19.18 27.50 22.77
CA ILE A 75 18.10 28.18 22.06
C ILE A 75 16.75 27.69 22.60
N GLU A 76 15.66 28.29 22.14
CA GLU A 76 14.33 27.95 22.64
C GLU A 76 13.70 26.72 21.98
N TYR A 77 14.21 26.35 20.80
CA TYR A 77 13.70 25.19 20.05
C TYR A 77 12.22 25.31 19.67
N ARG A 78 11.80 26.52 19.35
CA ARG A 78 10.46 26.77 18.81
C ARG A 78 10.45 26.45 17.33
N LEU A 79 9.26 26.42 16.73
CA LEU A 79 9.13 26.23 15.29
C LEU A 79 10.03 27.20 14.51
N GLN A 80 10.00 28.48 14.89
CA GLN A 80 10.82 29.54 14.28
C GLN A 80 12.29 29.14 14.27
N ASP A 81 12.77 28.60 15.38
CA ASP A 81 14.16 28.15 15.49
C ASP A 81 14.45 27.01 14.53
N HIS A 82 13.61 25.98 14.54
CA HIS A 82 13.83 24.78 13.75
C HIS A 82 13.80 25.07 12.25
N VAL A 83 12.89 25.93 11.78
CA VAL A 83 12.85 26.29 10.35
C VAL A 83 14.12 27.01 9.91
N ALA A 84 14.71 27.82 10.80
CA ALA A 84 15.93 28.55 10.44
C ALA A 84 17.09 27.57 10.20
N TYR A 85 17.19 26.52 11.02
CA TYR A 85 18.26 25.55 10.86
C TYR A 85 18.06 24.64 9.65
N MSE A 86 16.81 24.30 9.36
CA MSE A 86 16.53 23.45 8.19
C MSE A 86 16.68 24.19 6.85
O MSE A 86 17.24 23.65 5.89
CB MSE A 86 15.18 22.75 8.31
CG MSE A 86 15.17 21.54 9.26
SE MSE A 86 16.67 20.26 9.00
CE MSE A 86 17.87 20.90 10.43
N ASP A 87 16.19 25.43 6.81
CA ASP A 87 16.43 26.29 5.64
C ASP A 87 17.93 26.50 5.42
N GLY A 88 18.65 26.74 6.52
CA GLY A 88 20.09 26.93 6.45
C GLY A 88 20.80 25.69 5.96
N PHE A 89 20.27 24.52 6.37
CA PHE A 89 20.81 23.22 5.98
C PHE A 89 20.65 23.00 4.47
N ILE A 90 19.46 23.26 3.97
CA ILE A 90 19.17 23.24 2.54
C ILE A 90 20.15 24.13 1.77
N ASP A 91 20.34 25.37 2.24
CA ASP A 91 21.33 26.29 1.65
C ASP A 91 22.76 25.76 1.69
N ALA A 92 23.16 25.23 2.84
CA ALA A 92 24.52 24.70 3.01
C ALA A 92 24.84 23.62 1.98
N LEU A 93 23.87 22.76 1.72
CA LEU A 93 24.07 21.65 0.79
C LEU A 93 23.73 22.02 -0.65
N GLY A 94 23.14 23.20 -0.84
CA GLY A 94 22.71 23.67 -2.17
C GLY A 94 21.66 22.76 -2.80
N LEU A 95 20.83 22.12 -1.97
CA LEU A 95 19.77 21.23 -2.45
C LEU A 95 18.76 21.95 -3.34
N ASP A 96 18.45 21.33 -4.47
CA ASP A 96 17.56 21.90 -5.46
C ASP A 96 16.74 20.77 -6.07
N ASP A 97 15.62 21.10 -6.70
CA ASP A 97 14.77 20.10 -7.35
C ASP A 97 14.42 18.96 -6.37
N MSE A 98 14.04 19.35 -5.17
CA MSE A 98 13.90 18.42 -4.05
C MSE A 98 12.58 17.65 -4.03
O MSE A 98 11.52 18.20 -4.33
CB MSE A 98 13.96 19.18 -2.73
CG MSE A 98 15.30 19.68 -2.31
SE MSE A 98 15.02 20.81 -0.73
CE MSE A 98 14.69 22.49 -1.66
N VAL A 99 12.67 16.39 -3.63
CA VAL A 99 11.50 15.62 -3.23
C VAL A 99 11.55 15.63 -1.69
N LEU A 100 10.45 16.03 -1.04
CA LEU A 100 10.39 16.00 0.43
C LEU A 100 9.65 14.75 0.90
N VAL A 101 10.20 14.09 1.91
CA VAL A 101 9.52 13.01 2.61
C VAL A 101 9.44 13.41 4.07
N ILE A 102 8.23 13.69 4.55
CA ILE A 102 8.07 14.43 5.81
C ILE A 102 7.01 13.84 6.75
N HIS A 103 7.21 14.08 8.04
CA HIS A 103 6.41 13.49 9.10
C HIS A 103 6.29 14.46 10.28
N ASP A 104 5.11 14.55 10.88
CA ASP A 104 4.92 15.26 12.17
C ASP A 104 5.39 16.72 12.05
N TRP A 105 6.26 17.20 12.93
CA TRP A 105 6.75 18.57 12.80
C TRP A 105 7.59 18.77 11.55
N GLY A 106 8.22 17.70 11.08
CA GLY A 106 8.91 17.71 9.79
C GLY A 106 7.98 18.09 8.64
N SER A 107 6.70 17.73 8.76
CA SER A 107 5.70 18.10 7.76
C SER A 107 5.42 19.59 7.75
N VAL A 108 5.46 20.22 8.94
CA VAL A 108 5.25 21.66 9.00
C VAL A 108 6.43 22.40 8.38
N ILE A 109 7.65 22.02 8.77
CA ILE A 109 8.87 22.60 8.24
C ILE A 109 8.97 22.37 6.74
N GLY A 110 8.69 21.13 6.31
CA GLY A 110 8.72 20.77 4.90
C GLY A 110 7.72 21.53 4.04
N MSE A 111 6.46 21.55 4.46
CA MSE A 111 5.44 22.24 3.65
C MSE A 111 5.68 23.75 3.59
O MSE A 111 5.42 24.38 2.54
CB MSE A 111 4.04 21.93 4.16
CG MSE A 111 3.65 20.48 3.89
SE MSE A 111 1.84 20.11 4.44
CE MSE A 111 1.85 18.16 4.30
N ARG A 112 6.19 24.31 4.68
CA ARG A 112 6.50 25.73 4.70
C ARG A 112 7.58 26.00 3.65
N HIS A 113 8.59 25.13 3.60
CA HIS A 113 9.67 25.32 2.62
C HIS A 113 9.16 25.25 1.18
N ALA A 114 8.27 24.30 0.90
CA ALA A 114 7.67 24.15 -0.43
C ALA A 114 6.81 25.36 -0.77
N ARG A 115 6.04 25.81 0.23
CA ARG A 115 5.17 26.99 0.16
C ARG A 115 5.95 28.26 -0.21
N LEU A 116 7.09 28.46 0.44
CA LEU A 116 7.87 29.70 0.26
C LEU A 116 8.90 29.59 -0.86
N ASN A 117 9.16 28.35 -1.30
CA ASN A 117 10.13 28.11 -2.36
C ASN A 117 9.58 27.17 -3.45
N PRO A 118 8.42 27.51 -4.04
CA PRO A 118 7.73 26.56 -4.94
C PRO A 118 8.57 26.14 -6.15
N ASP A 119 9.58 26.93 -6.49
CA ASP A 119 10.48 26.69 -7.61
CA ASP A 119 10.45 26.64 -7.63
C ASP A 119 11.54 25.63 -7.30
N ARG A 120 11.63 25.23 -6.03
CA ARG A 120 12.70 24.33 -5.59
C ARG A 120 12.21 22.94 -5.19
N VAL A 121 10.90 22.79 -5.08
CA VAL A 121 10.34 21.53 -4.58
C VAL A 121 9.56 20.82 -5.69
N ALA A 122 10.06 19.64 -6.05
CA ALA A 122 9.46 18.83 -7.13
C ALA A 122 8.19 18.10 -6.69
N ALA A 123 8.19 17.56 -5.47
CA ALA A 123 7.13 16.67 -5.00
C ALA A 123 7.19 16.48 -3.50
N VAL A 124 6.09 16.07 -2.89
CA VAL A 124 6.03 15.93 -1.44
C VAL A 124 5.28 14.67 -1.01
N ALA A 125 6.01 13.79 -0.32
CA ALA A 125 5.41 12.65 0.37
C ALA A 125 5.33 12.98 1.87
N PHE A 126 4.17 12.73 2.47
CA PHE A 126 3.94 13.04 3.87
C PHE A 126 3.10 12.00 4.58
N MSE A 127 3.12 12.04 5.90
CA MSE A 127 2.37 11.09 6.70
C MSE A 127 2.24 11.67 8.10
O MSE A 127 3.15 12.33 8.58
CB MSE A 127 3.08 9.74 6.74
CG MSE A 127 4.51 9.81 7.26
SE MSE A 127 5.70 8.54 6.39
CE MSE A 127 6.02 9.53 4.72
N GLU A 128 1.08 11.43 8.72
CA GLU A 128 0.83 11.89 10.07
C GLU A 128 1.28 13.35 10.24
N ALA A 129 0.72 14.21 9.40
CA ALA A 129 1.10 15.61 9.27
C ALA A 129 0.27 16.54 10.14
N LEU A 130 0.89 17.65 10.54
CA LEU A 130 0.21 18.71 11.27
C LEU A 130 -0.33 19.69 10.26
N VAL A 131 -1.56 19.45 9.83
CA VAL A 131 -2.12 20.14 8.68
C VAL A 131 -3.65 20.09 8.79
N PRO A 132 -4.34 21.11 8.25
CA PRO A 132 -5.80 21.00 8.15
C PRO A 132 -6.20 19.79 7.31
N PRO A 133 -7.38 19.18 7.58
CA PRO A 133 -8.44 19.63 8.49
C PRO A 133 -8.21 19.34 9.97
N ALA A 134 -7.30 18.43 10.30
CA ALA A 134 -7.11 18.04 11.72
C ALA A 134 -6.47 19.14 12.59
N LEU A 135 -5.56 19.92 12.01
CA LEU A 135 -4.89 21.00 12.73
C LEU A 135 -5.19 22.34 12.07
N PRO A 136 -5.24 23.44 12.86
CA PRO A 136 -5.07 23.53 14.30
C PRO A 136 -6.21 22.91 15.10
N MSE A 137 -5.96 22.73 16.39
CA MSE A 137 -6.91 22.18 17.31
C MSE A 137 -7.66 23.32 18.00
O MSE A 137 -7.03 24.28 18.46
CB MSE A 137 -6.14 21.37 18.37
CG MSE A 137 -6.90 20.20 18.89
SE MSE A 137 -7.03 18.85 17.50
CE MSE A 137 -5.16 18.36 17.32
N PRO A 138 -9.00 23.24 18.07
CA PRO A 138 -9.82 24.27 18.74
C PRO A 138 -9.65 24.31 20.27
N SER A 139 -9.38 23.16 20.87
CA SER A 139 -9.26 23.02 22.32
C SER A 139 -8.63 21.68 22.69
N TYR A 140 -8.27 21.53 23.96
CA TYR A 140 -7.82 20.25 24.48
C TYR A 140 -8.94 19.20 24.40
N GLU A 141 -10.17 19.63 24.67
CA GLU A 141 -11.34 18.72 24.65
C GLU A 141 -11.47 18.07 23.28
N ALA A 142 -11.16 18.83 22.23
CA ALA A 142 -11.28 18.38 20.85
C ALA A 142 -10.27 17.26 20.50
N MSE A 143 -9.33 16.99 21.40
CA MSE A 143 -8.30 15.97 21.16
C MSE A 143 -8.63 14.61 21.78
O MSE A 143 -7.87 13.65 21.61
CB MSE A 143 -6.94 16.48 21.66
CG MSE A 143 -6.45 17.72 20.95
SE MSE A 143 -4.86 18.49 21.73
CE MSE A 143 -3.58 17.11 21.22
N GLY A 144 -9.75 14.53 22.49
CA GLY A 144 -10.15 13.30 23.17
C GLY A 144 -9.68 13.24 24.61
N PRO A 145 -10.16 12.24 25.36
CA PRO A 145 -9.95 12.11 26.80
C PRO A 145 -8.53 11.66 27.17
N GLN A 146 -7.77 11.20 26.19
CA GLN A 146 -6.37 10.84 26.40
C GLN A 146 -5.37 11.91 25.95
N LEU A 147 -5.34 12.21 24.66
CA LEU A 147 -4.39 13.20 24.11
C LEU A 147 -4.63 14.63 24.61
N GLY A 148 -5.90 15.00 24.79
CA GLY A 148 -6.26 16.32 25.31
C GLY A 148 -5.61 16.66 26.63
N PRO A 149 -5.95 15.91 27.70
CA PRO A 149 -5.32 16.16 29.00
C PRO A 149 -3.79 15.95 28.96
N LEU A 150 -3.31 15.01 28.16
CA LEU A 150 -1.87 14.76 28.07
C LEU A 150 -1.14 16.00 27.55
N PHE A 151 -1.64 16.59 26.47
CA PHE A 151 -1.02 17.78 25.90
C PHE A 151 -1.21 19.01 26.79
N ARG A 152 -2.36 19.14 27.42
CA ARG A 152 -2.50 20.19 28.44
C ARG A 152 -1.41 20.05 29.54
N ASP A 153 -1.21 18.82 30.05
CA ASP A 153 -0.16 18.56 31.03
C ASP A 153 1.21 19.01 30.51
N LEU A 154 1.60 18.51 29.34
CA LEU A 154 2.89 18.86 28.72
C LEU A 154 3.06 20.37 28.58
N ARG A 155 1.95 21.07 28.36
CA ARG A 155 1.97 22.50 28.14
C ARG A 155 1.73 23.32 29.42
N THR A 156 1.67 22.65 30.56
CA THR A 156 1.50 23.32 31.86
C THR A 156 2.86 23.49 32.52
N ALA A 157 3.14 24.68 33.04
CA ALA A 157 4.39 24.95 33.73
C ALA A 157 4.60 23.96 34.88
N ASP A 158 5.84 23.52 35.05
CA ASP A 158 6.24 22.57 36.11
C ASP A 158 5.83 21.13 35.78
N VAL A 159 4.57 20.92 35.41
CA VAL A 159 4.08 19.58 35.04
C VAL A 159 4.85 19.01 33.84
N GLY A 160 4.88 19.78 32.74
CA GLY A 160 5.58 19.38 31.52
C GLY A 160 7.06 19.15 31.74
N GLU A 161 7.71 20.05 32.49
CA GLU A 161 9.13 19.94 32.85
C GLU A 161 9.42 18.65 33.63
N LYS A 162 8.59 18.35 34.62
CA LYS A 162 8.73 17.11 35.39
C LYS A 162 8.54 15.87 34.52
N MSE A 163 7.52 15.88 33.67
CA MSE A 163 7.25 14.73 32.80
C MSE A 163 8.34 14.52 31.75
O MSE A 163 8.83 13.40 31.55
CB MSE A 163 5.89 14.91 32.12
CG MSE A 163 4.70 14.81 33.05
SE MSE A 163 3.04 15.07 32.06
CE MSE A 163 3.02 13.37 31.09
N VAL A 164 8.72 15.60 31.09
CA VAL A 164 9.60 15.48 29.94
C VAL A 164 11.09 15.65 30.29
N LEU A 165 11.44 16.68 31.04
CA LEU A 165 12.85 16.90 31.31
C LEU A 165 13.35 15.90 32.35
N ASP A 166 12.62 15.75 33.45
CA ASP A 166 13.03 14.83 34.50
C ASP A 166 12.71 13.38 34.13
N GLY A 167 11.56 13.14 33.52
CA GLY A 167 11.13 11.78 33.20
C GLY A 167 11.36 11.26 31.79
N ASN A 168 11.67 12.14 30.84
CA ASN A 168 11.87 11.75 29.42
C ASN A 168 10.64 11.05 28.83
N PHE A 169 9.45 11.51 29.20
CA PHE A 169 8.17 10.87 28.86
C PHE A 169 7.89 10.73 27.35
N PHE A 170 8.29 11.73 26.57
CA PHE A 170 8.00 11.66 25.14
C PHE A 170 8.76 10.49 24.49
N VAL A 171 10.04 10.37 24.86
CA VAL A 171 10.92 9.34 24.31
C VAL A 171 10.60 7.96 24.90
N GLU A 172 10.40 7.91 26.21
CA GLU A 172 10.26 6.63 26.92
C GLU A 172 8.85 6.04 26.92
N THR A 173 7.83 6.87 26.67
CA THR A 173 6.44 6.39 26.71
C THR A 173 5.65 6.69 25.44
N ILE A 174 5.54 7.96 25.07
CA ILE A 174 4.70 8.33 23.92
C ILE A 174 5.19 7.63 22.65
N LEU A 175 6.51 7.62 22.44
CA LEU A 175 7.07 7.02 21.25
C LEU A 175 6.83 5.49 21.19
N PRO A 176 7.34 4.71 22.16
CA PRO A 176 7.18 3.26 22.05
C PRO A 176 5.78 2.74 22.37
N GLU A 177 5.09 3.36 23.33
CA GLU A 177 3.79 2.84 23.75
C GLU A 177 2.61 3.34 22.94
N MSE A 178 2.58 4.62 22.66
CA MSE A 178 1.43 5.20 21.97
C MSE A 178 1.60 5.33 20.47
O MSE A 178 0.64 5.19 19.73
CB MSE A 178 1.09 6.55 22.60
CG MSE A 178 0.97 6.46 24.11
SE MSE A 178 0.61 8.16 24.96
CE MSE A 178 -0.97 8.65 23.95
N GLY A 179 2.83 5.58 20.03
CA GLY A 179 3.07 5.94 18.64
C GLY A 179 3.44 4.81 17.70
N VAL A 180 3.64 3.62 18.25
CA VAL A 180 4.07 2.44 17.47
C VAL A 180 3.19 1.25 17.87
N VAL A 181 2.74 0.47 16.90
CA VAL A 181 1.95 -0.72 17.18
C VAL A 181 2.83 -1.89 17.64
N ARG A 182 3.91 -2.19 16.91
CA ARG A 182 4.83 -3.25 17.31
C ARG A 182 5.66 -2.81 18.53
N SER A 183 6.38 -3.74 19.15
CA SER A 183 7.31 -3.39 20.23
C SER A 183 8.65 -3.00 19.64
N LEU A 184 9.14 -1.82 19.99
CA LEU A 184 10.47 -1.41 19.59
C LEU A 184 11.48 -2.24 20.37
N SER A 185 12.55 -2.68 19.69
CA SER A 185 13.57 -3.49 20.33
C SER A 185 14.42 -2.65 21.28
N GLU A 186 15.25 -3.31 22.07
CA GLU A 186 16.18 -2.60 22.94
C GLU A 186 17.19 -1.75 22.17
N ALA A 187 17.68 -2.26 21.03
CA ALA A 187 18.60 -1.51 20.20
C ALA A 187 17.94 -0.26 19.62
N GLU A 188 16.68 -0.38 19.23
CA GLU A 188 15.89 0.76 18.74
C GLU A 188 15.69 1.85 19.80
N MSE A 189 15.25 1.45 20.99
CA MSE A 189 15.12 2.37 22.11
C MSE A 189 16.45 3.05 22.50
O MSE A 189 16.48 4.25 22.79
CB MSE A 189 14.48 1.65 23.31
CG MSE A 189 12.97 1.44 23.15
SE MSE A 189 12.01 3.08 22.64
CE MSE A 189 12.48 4.20 24.20
N ALA A 190 17.55 2.29 22.49
CA ALA A 190 18.87 2.84 22.78
C ALA A 190 19.20 3.98 21.82
N ALA A 191 18.90 3.76 20.53
CA ALA A 191 19.11 4.77 19.49
C ALA A 191 18.22 5.99 19.69
N TYR A 192 16.98 5.77 20.09
CA TYR A 192 16.06 6.89 20.27
C TYR A 192 16.35 7.70 21.53
N ARG A 193 16.85 7.04 22.59
CA ARG A 193 17.16 7.78 23.83
C ARG A 193 18.57 8.39 23.84
N ALA A 194 19.46 7.91 22.97
CA ALA A 194 20.86 8.34 22.96
C ALA A 194 21.06 9.88 22.93
N PRO A 195 20.25 10.62 22.14
CA PRO A 195 20.43 12.08 22.15
C PRO A 195 19.90 12.77 23.41
N PHE A 196 19.22 12.05 24.29
CA PHE A 196 18.52 12.69 25.41
C PHE A 196 18.84 12.12 26.81
N PRO A 197 20.14 11.98 27.16
CA PRO A 197 20.47 11.39 28.46
C PRO A 197 20.35 12.34 29.65
N THR A 198 20.26 13.64 29.40
CA THR A 198 20.23 14.62 30.49
C THR A 198 18.94 15.42 30.46
N ARG A 199 18.61 16.01 31.60
CA ARG A 199 17.45 16.88 31.74
CA ARG A 199 17.41 16.85 31.71
C ARG A 199 17.40 17.97 30.66
N GLN A 200 18.51 18.71 30.56
CA GLN A 200 18.60 19.84 29.63
C GLN A 200 18.50 19.42 28.18
N SER A 201 19.08 18.27 27.85
CA SER A 201 19.08 17.78 26.47
C SER A 201 17.67 17.51 25.96
N ARG A 202 16.73 17.33 26.89
CA ARG A 202 15.37 16.90 26.54
C ARG A 202 14.46 18.05 26.14
N LEU A 203 14.96 19.28 26.30
CA LEU A 203 14.19 20.49 26.00
C LEU A 203 13.43 20.44 24.65
N PRO A 204 14.10 20.06 23.55
CA PRO A 204 13.34 20.05 22.28
C PRO A 204 12.10 19.14 22.30
N THR A 205 12.16 18.04 23.05
CA THR A 205 11.03 17.10 23.12
C THR A 205 9.89 17.65 23.98
N LEU A 206 10.22 18.60 24.86
CA LEU A 206 9.21 19.33 25.61
C LEU A 206 8.68 20.55 24.84
N GLN A 207 9.54 21.28 24.14
CA GLN A 207 9.07 22.46 23.42
C GLN A 207 8.15 22.11 22.25
N TRP A 208 8.40 20.97 21.61
CA TRP A 208 7.58 20.60 20.43
C TRP A 208 6.08 20.47 20.76
N PRO A 209 5.71 19.70 21.80
CA PRO A 209 4.26 19.68 22.11
C PRO A 209 3.73 21.05 22.52
N ARG A 210 4.62 21.94 22.97
CA ARG A 210 4.21 23.32 23.33
C ARG A 210 4.05 24.21 22.10
N GLU A 211 4.50 23.71 20.95
CA GLU A 211 4.36 24.40 19.66
C GLU A 211 3.06 24.07 18.95
N VAL A 212 2.43 22.95 19.31
CA VAL A 212 1.18 22.52 18.66
C VAL A 212 0.14 23.64 18.78
N PRO A 213 -0.44 24.08 17.65
CA PRO A 213 -1.41 25.17 17.76
C PRO A 213 -2.76 24.69 18.30
N ILE A 214 -3.04 25.02 19.56
CA ILE A 214 -4.28 24.64 20.23
C ILE A 214 -4.95 25.91 20.77
N GLY A 215 -6.21 26.11 20.39
CA GLY A 215 -6.96 27.31 20.80
C GLY A 215 -6.26 28.59 20.42
N GLY A 216 -5.59 28.60 19.27
CA GLY A 216 -4.87 29.79 18.81
C GLY A 216 -3.43 29.97 19.26
N GLU A 217 -2.96 29.10 20.16
CA GLU A 217 -1.63 29.22 20.78
C GLU A 217 -0.70 28.05 20.46
N PRO A 218 0.55 28.34 20.04
CA PRO A 218 1.11 29.68 19.81
C PRO A 218 0.75 30.24 18.44
N ALA A 219 0.68 31.56 18.33
CA ALA A 219 0.22 32.25 17.11
C ALA A 219 1.05 31.91 15.86
N PHE A 220 2.38 31.85 15.99
CA PHE A 220 3.24 31.57 14.85
C PHE A 220 2.97 30.19 14.22
N ALA A 221 3.00 29.13 15.03
CA ALA A 221 2.74 27.78 14.52
C ALA A 221 1.32 27.66 13.95
N GLU A 222 0.36 28.35 14.56
CA GLU A 222 -1.00 28.37 14.03
C GLU A 222 -1.04 28.93 12.61
N ALA A 223 -0.47 30.10 12.42
CA ALA A 223 -0.35 30.74 11.11
C ALA A 223 0.35 29.83 10.09
N GLU A 224 1.44 29.21 10.50
CA GLU A 224 2.22 28.35 9.60
C GLU A 224 1.42 27.13 9.13
N VAL A 225 0.74 26.48 10.08
CA VAL A 225 -0.08 25.32 9.78
C VAL A 225 -1.25 25.67 8.84
N LEU A 226 -1.90 26.81 9.10
CA LEU A 226 -3.00 27.26 8.26
C LEU A 226 -2.55 27.60 6.84
N LYS A 227 -1.43 28.31 6.71
CA LYS A 227 -0.89 28.66 5.40
C LYS A 227 -0.40 27.42 4.64
N ASN A 228 0.14 26.45 5.38
CA ASN A 228 0.53 25.17 4.81
C ASN A 228 -0.68 24.46 4.24
N GLY A 229 -1.81 24.57 4.95
CA GLY A 229 -3.06 23.95 4.53
C GLY A 229 -3.54 24.53 3.22
N GLU A 230 -3.43 25.86 3.09
CA GLU A 230 -3.77 26.57 1.85
C GLU A 230 -2.85 26.16 0.69
N TRP A 231 -1.56 26.08 0.96
CA TRP A 231 -0.61 25.54 -0.03
C TRP A 231 -0.99 24.13 -0.49
N LEU A 232 -1.28 23.24 0.49
CA LEU A 232 -1.62 21.84 0.20
C LEU A 232 -2.82 21.71 -0.74
N MSE A 233 -3.85 22.53 -0.53
CA MSE A 233 -5.08 22.47 -1.33
C MSE A 233 -4.92 23.12 -2.71
O MSE A 233 -5.74 22.87 -3.60
CB MSE A 233 -6.27 23.10 -0.61
CG MSE A 233 -6.54 22.59 0.78
SE MSE A 233 -6.96 20.69 0.93
CE MSE A 233 -6.23 20.48 2.73
N ALA A 234 -3.91 23.98 -2.87
CA ALA A 234 -3.75 24.74 -4.11
C ALA A 234 -2.59 24.24 -4.98
N SER A 235 -1.61 23.58 -4.36
CA SER A 235 -0.41 23.18 -5.10
C SER A 235 -0.68 22.10 -6.15
N PRO A 236 -0.14 22.28 -7.37
CA PRO A 236 -0.33 21.29 -8.43
C PRO A 236 0.66 20.13 -8.40
N ILE A 237 1.71 20.23 -7.58
CA ILE A 237 2.80 19.23 -7.59
C ILE A 237 2.34 17.84 -7.13
N PRO A 238 2.99 16.77 -7.63
CA PRO A 238 2.66 15.42 -7.18
C PRO A 238 2.83 15.27 -5.68
N LYS A 239 1.85 14.64 -5.04
CA LYS A 239 1.90 14.40 -3.60
C LYS A 239 1.54 12.96 -3.28
N LEU A 240 2.06 12.46 -2.15
CA LEU A 240 1.84 11.09 -1.71
C LEU A 240 1.57 11.11 -0.21
N LEU A 241 0.49 10.45 0.20
CA LEU A 241 0.11 10.36 1.62
C LEU A 241 0.09 8.90 2.06
N PHE A 242 0.83 8.60 3.13
CA PHE A 242 0.70 7.30 3.77
C PHE A 242 -0.12 7.49 5.02
N HIS A 243 -1.00 6.54 5.30
CA HIS A 243 -1.83 6.59 6.51
C HIS A 243 -2.09 5.18 7.05
N ALA A 244 -2.56 5.12 8.29
CA ALA A 244 -2.72 3.85 8.99
C ALA A 244 -4.01 3.81 9.83
N GLU A 245 -4.39 2.62 10.28
CA GLU A 245 -5.59 2.44 11.08
C GLU A 245 -5.17 2.02 12.47
N PRO A 246 -5.60 2.76 13.52
CA PRO A 246 -6.50 3.92 13.53
C PRO A 246 -5.86 5.26 13.17
N GLY A 247 -4.52 5.30 13.14
CA GLY A 247 -3.78 6.56 12.95
C GLY A 247 -3.85 7.42 14.20
N ALA A 248 -3.32 8.64 14.12
CA ALA A 248 -3.37 9.58 15.25
C ALA A 248 -3.77 10.97 14.77
N LEU A 249 -2.85 11.65 14.07
CA LEU A 249 -3.16 12.93 13.46
C LEU A 249 -4.04 12.77 12.22
N ALA A 250 -4.03 11.58 11.61
CA ALA A 250 -4.78 11.35 10.37
C ALA A 250 -5.61 10.05 10.41
N PRO A 251 -6.74 10.06 11.13
CA PRO A 251 -7.67 8.93 11.06
C PRO A 251 -8.38 8.88 9.71
N LYS A 252 -9.08 7.77 9.43
CA LYS A 252 -9.76 7.56 8.15
C LYS A 252 -10.56 8.77 7.63
N PRO A 253 -11.42 9.38 8.48
CA PRO A 253 -12.25 10.46 7.87
C PRO A 253 -11.42 11.67 7.45
N VAL A 254 -10.29 11.92 8.12
CA VAL A 254 -9.40 13.00 7.74
C VAL A 254 -8.77 12.70 6.38
N VAL A 255 -8.30 11.47 6.21
CA VAL A 255 -7.71 11.00 4.95
C VAL A 255 -8.72 11.07 3.81
N ASP A 256 -9.95 10.63 4.04
CA ASP A 256 -11.00 10.68 3.03
C ASP A 256 -11.23 12.11 2.54
N TYR A 257 -11.21 13.06 3.47
CA TYR A 257 -11.38 14.47 3.13
C TYR A 257 -10.21 14.93 2.26
N LEU A 258 -8.99 14.64 2.70
CA LEU A 258 -7.80 15.04 1.98
C LEU A 258 -7.77 14.44 0.55
N SER A 259 -8.16 13.17 0.45
CA SER A 259 -8.12 12.49 -0.84
C SER A 259 -9.10 13.11 -1.86
N GLU A 260 -10.17 13.74 -1.37
CA GLU A 260 -11.16 14.37 -2.25
C GLU A 260 -10.85 15.83 -2.58
N ASN A 261 -9.85 16.41 -1.92
CA ASN A 261 -9.65 17.86 -1.98
C ASN A 261 -8.23 18.33 -2.30
N VAL A 262 -7.24 17.48 -2.09
CA VAL A 262 -5.87 17.85 -2.41
C VAL A 262 -5.58 17.46 -3.85
N PRO A 263 -5.05 18.40 -4.66
CA PRO A 263 -4.75 18.10 -6.05
C PRO A 263 -3.57 17.14 -6.18
N ASN A 264 -3.64 16.26 -7.17
CA ASN A 264 -2.50 15.44 -7.54
C ASN A 264 -1.95 14.60 -6.37
N LEU A 265 -2.87 14.04 -5.57
CA LEU A 265 -2.52 13.26 -4.38
C LEU A 265 -2.72 11.77 -4.59
N GLU A 266 -1.65 11.01 -4.38
CA GLU A 266 -1.70 9.55 -4.30
C GLU A 266 -1.79 9.16 -2.82
N VAL A 267 -2.67 8.22 -2.50
CA VAL A 267 -2.85 7.81 -1.11
C VAL A 267 -2.56 6.32 -0.97
N ARG A 268 -1.69 5.99 0.00
CA ARG A 268 -1.33 4.60 0.27
C ARG A 268 -1.58 4.20 1.73
N PHE A 269 -2.62 3.42 1.96
CA PHE A 269 -2.92 2.84 3.26
C PHE A 269 -1.85 1.81 3.58
N VAL A 270 -1.32 1.83 4.81
CA VAL A 270 -0.30 0.84 5.22
C VAL A 270 -0.78 -0.24 6.19
N GLY A 271 -2.03 -0.16 6.64
CA GLY A 271 -2.55 -1.12 7.61
C GLY A 271 -2.53 -0.55 9.02
N ALA A 272 -2.22 -1.42 9.99
CA ALA A 272 -2.24 -1.05 11.41
C ALA A 272 -1.11 -0.11 11.78
N GLY A 273 -1.47 0.97 12.44
CA GLY A 273 -0.49 1.94 12.93
C GLY A 273 -1.18 3.10 13.61
N THR A 274 -0.40 3.84 14.39
CA THR A 274 -0.91 5.07 14.98
C THR A 274 -0.14 6.27 14.43
N HIS A 275 1.04 6.56 14.98
CA HIS A 275 1.73 7.79 14.60
C HIS A 275 3.05 7.59 13.85
N PHE A 276 3.99 6.84 14.43
CA PHE A 276 5.30 6.60 13.83
C PHE A 276 5.23 5.44 12.83
N LEU A 277 4.57 5.70 11.71
CA LEU A 277 4.22 4.66 10.73
C LEU A 277 5.44 3.98 10.14
N GLN A 278 6.55 4.72 10.09
CA GLN A 278 7.83 4.23 9.59
C GLN A 278 8.34 3.03 10.37
N GLU A 279 7.95 2.92 11.64
CA GLU A 279 8.38 1.78 12.45
C GLU A 279 7.52 0.55 12.21
N ASP A 280 6.25 0.78 11.90
CA ASP A 280 5.34 -0.33 11.68
C ASP A 280 5.34 -0.85 10.23
N HIS A 281 5.56 0.03 9.25
CA HIS A 281 5.53 -0.41 7.85
C HIS A 281 6.58 0.24 6.96
N PRO A 282 7.87 0.10 7.30
CA PRO A 282 8.90 0.81 6.52
C PRO A 282 9.01 0.35 5.05
N HIS A 283 8.80 -0.94 4.81
CA HIS A 283 8.92 -1.48 3.45
C HIS A 283 7.78 -1.04 2.52
N LEU A 284 6.55 -1.00 3.04
CA LEU A 284 5.42 -0.49 2.26
C LEU A 284 5.65 0.98 1.91
N ILE A 285 6.14 1.73 2.89
CA ILE A 285 6.43 3.15 2.72
C ILE A 285 7.57 3.34 1.73
N GLY A 286 8.65 2.58 1.92
CA GLY A 286 9.80 2.62 1.00
C GLY A 286 9.42 2.25 -0.43
N GLN A 287 8.74 1.12 -0.59
CA GLN A 287 8.32 0.67 -1.91
C GLN A 287 7.39 1.71 -2.51
N GLY A 288 6.53 2.28 -1.67
CA GLY A 288 5.54 3.27 -2.08
C GLY A 288 6.17 4.52 -2.68
N ILE A 289 7.13 5.11 -1.97
CA ILE A 289 7.82 6.32 -2.46
C ILE A 289 8.53 6.05 -3.79
N ALA A 290 9.23 4.92 -3.87
CA ALA A 290 9.98 4.54 -5.06
C ALA A 290 9.06 4.34 -6.25
N ASP A 291 7.93 3.68 -6.04
CA ASP A 291 6.99 3.44 -7.14
C ASP A 291 6.41 4.75 -7.64
N TRP A 292 6.03 5.59 -6.70
CA TRP A 292 5.43 6.90 -6.98
C TRP A 292 6.42 7.79 -7.75
N LEU A 293 7.69 7.78 -7.35
CA LEU A 293 8.74 8.49 -8.07
C LEU A 293 9.01 7.91 -9.46
N ARG A 294 8.98 6.58 -9.57
CA ARG A 294 9.19 5.93 -10.87
C ARG A 294 8.14 6.38 -11.88
N ARG A 295 6.89 6.48 -11.46
CA ARG A 295 5.80 6.86 -12.36
C ARG A 295 5.74 8.36 -12.62
N ASN A 296 6.00 9.16 -11.59
CA ASN A 296 5.85 10.60 -11.73
C ASN A 296 7.10 11.34 -12.24
N LYS A 297 8.28 10.80 -11.95
CA LYS A 297 9.55 11.46 -12.25
C LYS A 297 9.48 12.98 -12.03
N PRO A 298 9.09 13.41 -10.81
CA PRO A 298 8.81 14.83 -10.60
C PRO A 298 10.06 15.70 -10.65
N HIS A 299 9.91 16.87 -11.28
CA HIS A 299 10.93 17.91 -11.25
C HIS A 299 10.29 19.24 -10.95
N ALA A 300 11.04 20.13 -10.31
CA ALA A 300 10.53 21.44 -9.94
C ALA A 300 10.53 22.35 -11.16
N SER A 301 9.54 23.23 -11.22
CA SER A 301 9.42 24.20 -12.31
C SER A 301 10.35 25.40 -12.09
N SER B 3 -18.09 -9.34 10.76
CA SER B 3 -16.64 -9.67 10.61
C SER B 3 -16.21 -9.80 9.13
N SER B 4 -14.91 -10.05 8.93
CA SER B 4 -14.33 -10.24 7.63
C SER B 4 -14.88 -11.50 6.94
N SER B 5 -15.60 -12.34 7.68
CA SER B 5 -16.16 -13.58 7.11
C SER B 5 -17.55 -13.44 6.49
N GLU B 6 -18.21 -12.29 6.72
CA GLU B 6 -19.55 -12.03 6.15
C GLU B 6 -19.53 -11.85 4.64
N PHE B 7 -20.60 -12.30 4.00
CA PHE B 7 -20.82 -12.09 2.58
C PHE B 7 -22.16 -11.35 2.41
N PRO B 8 -22.16 -10.01 2.63
CA PRO B 8 -23.43 -9.28 2.68
C PRO B 8 -23.95 -8.90 1.29
N PHE B 9 -24.02 -9.88 0.40
CA PHE B 9 -24.46 -9.68 -0.97
C PHE B 9 -25.47 -10.77 -1.32
N ALA B 10 -26.59 -10.35 -1.91
CA ALA B 10 -27.50 -11.30 -2.51
C ALA B 10 -27.01 -11.55 -3.93
N LYS B 11 -26.66 -12.79 -4.22
CA LYS B 11 -26.20 -13.14 -5.55
C LYS B 11 -27.33 -13.12 -6.57
N ARG B 12 -27.07 -12.52 -7.73
CA ARG B 12 -28.00 -12.61 -8.84
C ARG B 12 -27.63 -13.81 -9.70
N THR B 13 -28.52 -14.17 -10.61
CA THR B 13 -28.23 -15.23 -11.58
C THR B 13 -28.61 -14.79 -12.99
N VAL B 14 -27.82 -15.23 -13.98
CA VAL B 14 -28.13 -15.00 -15.39
C VAL B 14 -27.77 -16.28 -16.17
N GLU B 15 -28.54 -16.56 -17.22
CA GLU B 15 -28.32 -17.74 -18.03
C GLU B 15 -27.25 -17.48 -19.09
N VAL B 16 -26.28 -18.38 -19.18
CA VAL B 16 -25.18 -18.26 -20.15
C VAL B 16 -24.93 -19.64 -20.73
N GLU B 17 -25.03 -19.78 -22.06
CA GLU B 17 -24.86 -21.07 -22.75
C GLU B 17 -25.71 -22.18 -22.12
N GLY B 18 -26.95 -21.83 -21.76
CA GLY B 18 -27.88 -22.78 -21.15
C GLY B 18 -27.53 -23.23 -19.73
N ALA B 19 -26.72 -22.44 -19.02
CA ALA B 19 -26.37 -22.75 -17.63
C ALA B 19 -26.40 -21.49 -16.78
N THR B 20 -26.65 -21.66 -15.48
CA THR B 20 -26.76 -20.52 -14.57
C THR B 20 -25.40 -20.01 -14.09
N ILE B 21 -25.18 -18.70 -14.24
CA ILE B 21 -24.03 -18.03 -13.65
C ILE B 21 -24.49 -17.15 -12.46
N ALA B 22 -23.95 -17.44 -11.28
CA ALA B 22 -24.24 -16.63 -10.10
C ALA B 22 -23.20 -15.52 -9.97
N TYR B 23 -23.63 -14.34 -9.52
CA TYR B 23 -22.77 -13.16 -9.44
C TYR B 23 -23.22 -12.09 -8.46
N VAL B 24 -22.25 -11.40 -7.88
CA VAL B 24 -22.49 -10.17 -7.13
C VAL B 24 -22.65 -9.01 -8.11
N ASP B 25 -23.60 -8.12 -7.85
CA ASP B 25 -23.78 -6.91 -8.65
C ASP B 25 -24.22 -5.79 -7.71
N GLU B 26 -23.32 -4.85 -7.42
CA GLU B 26 -23.60 -3.75 -6.47
C GLU B 26 -23.11 -2.43 -7.03
N GLY B 27 -23.68 -1.32 -6.56
CA GLY B 27 -23.31 0.00 -7.04
C GLY B 27 -23.92 0.30 -8.39
N SER B 28 -23.44 1.38 -9.02
CA SER B 28 -23.99 1.83 -10.30
C SER B 28 -22.93 2.48 -11.17
N GLY B 29 -23.21 2.56 -12.47
CA GLY B 29 -22.31 3.22 -13.40
C GLY B 29 -21.28 2.28 -13.99
N GLN B 30 -20.04 2.76 -14.09
CA GLN B 30 -18.98 2.03 -14.77
C GLN B 30 -18.64 0.73 -14.02
N PRO B 31 -18.70 -0.41 -14.74
CA PRO B 31 -18.52 -1.71 -14.11
C PRO B 31 -17.05 -2.05 -13.85
N VAL B 32 -16.80 -2.61 -12.68
CA VAL B 32 -15.53 -3.19 -12.32
C VAL B 32 -15.78 -4.69 -12.18
N LEU B 33 -15.14 -5.48 -13.04
CA LEU B 33 -15.40 -6.91 -13.11
C LEU B 33 -14.32 -7.67 -12.36
N PHE B 34 -14.73 -8.36 -11.30
CA PHE B 34 -13.82 -9.12 -10.44
C PHE B 34 -13.85 -10.58 -10.89
N LEU B 35 -12.69 -11.11 -11.27
CA LEU B 35 -12.60 -12.52 -11.67
C LEU B 35 -11.66 -13.30 -10.76
N HIS B 36 -12.21 -14.28 -10.05
CA HIS B 36 -11.45 -15.13 -9.13
C HIS B 36 -10.81 -16.29 -9.87
N GLY B 37 -10.03 -17.10 -9.15
CA GLY B 37 -9.42 -18.29 -9.72
C GLY B 37 -9.72 -19.54 -8.92
N ASN B 38 -8.75 -20.45 -8.88
CA ASN B 38 -8.92 -21.75 -8.23
C ASN B 38 -8.40 -21.73 -6.80
N PRO B 39 -9.16 -22.30 -5.83
CA PRO B 39 -10.49 -22.91 -5.92
C PRO B 39 -11.54 -22.02 -5.27
N THR B 40 -11.53 -20.73 -5.62
CA THR B 40 -12.34 -19.75 -4.90
C THR B 40 -13.64 -19.38 -5.63
N SER B 41 -14.20 -18.22 -5.30
CA SER B 41 -15.41 -17.75 -5.94
C SER B 41 -15.47 -16.25 -5.72
N SER B 42 -16.62 -15.64 -6.01
CA SER B 42 -16.84 -14.21 -5.69
C SER B 42 -16.61 -13.91 -4.21
N TYR B 43 -16.79 -14.92 -3.36
CA TYR B 43 -16.49 -14.81 -1.92
C TYR B 43 -15.10 -14.24 -1.62
N LEU B 44 -14.13 -14.55 -2.47
CA LEU B 44 -12.77 -14.04 -2.34
C LEU B 44 -12.69 -12.51 -2.34
N TRP B 45 -13.62 -11.87 -3.04
CA TRP B 45 -13.61 -10.42 -3.21
C TRP B 45 -14.50 -9.68 -2.20
N ARG B 46 -15.15 -10.42 -1.32
CA ARG B 46 -16.17 -9.87 -0.41
C ARG B 46 -15.74 -8.61 0.36
N ASN B 47 -14.48 -8.56 0.77
CA ASN B 47 -13.99 -7.43 1.58
C ASN B 47 -13.37 -6.32 0.74
N ILE B 48 -13.19 -6.57 -0.55
CA ILE B 48 -12.60 -5.61 -1.48
C ILE B 48 -13.69 -4.84 -2.27
N ILE B 49 -14.75 -5.55 -2.64
CA ILE B 49 -15.88 -4.97 -3.37
C ILE B 49 -16.42 -3.64 -2.83
N PRO B 50 -16.63 -3.51 -1.49
CA PRO B 50 -17.19 -2.26 -0.95
C PRO B 50 -16.36 -1.02 -1.27
N TYR B 51 -15.05 -1.18 -1.45
CA TYR B 51 -14.15 -0.06 -1.75
C TYR B 51 -14.39 0.50 -3.14
N VAL B 52 -14.70 -0.36 -4.11
CA VAL B 52 -14.96 0.16 -5.46
C VAL B 52 -16.37 0.69 -5.60
N VAL B 53 -17.31 0.14 -4.84
CA VAL B 53 -18.66 0.71 -4.79
C VAL B 53 -18.57 2.11 -4.15
N ALA B 54 -17.84 2.21 -3.03
CA ALA B 54 -17.68 3.49 -2.33
C ALA B 54 -17.02 4.54 -3.23
N ALA B 55 -16.17 4.09 -4.15
CA ALA B 55 -15.51 4.97 -5.11
C ALA B 55 -16.43 5.37 -6.28
N GLY B 56 -17.63 4.80 -6.34
CA GLY B 56 -18.64 5.25 -7.31
C GLY B 56 -18.81 4.35 -8.51
N TYR B 57 -18.28 3.14 -8.43
CA TYR B 57 -18.33 2.19 -9.52
C TYR B 57 -19.37 1.10 -9.26
N ARG B 58 -19.69 0.33 -10.31
CA ARG B 58 -20.54 -0.83 -10.19
C ARG B 58 -19.65 -2.08 -10.07
N ALA B 59 -19.77 -2.81 -8.98
CA ALA B 59 -18.97 -4.01 -8.78
C ALA B 59 -19.74 -5.22 -9.27
N VAL B 60 -19.12 -5.96 -10.20
CA VAL B 60 -19.68 -7.19 -10.75
C VAL B 60 -18.68 -8.32 -10.54
N ALA B 61 -19.08 -9.33 -9.77
CA ALA B 61 -18.16 -10.43 -9.42
C ALA B 61 -18.84 -11.76 -9.65
N PRO B 62 -18.63 -12.38 -10.84
CA PRO B 62 -19.26 -13.68 -11.13
C PRO B 62 -18.52 -14.85 -10.49
N ASP B 63 -19.25 -15.93 -10.23
CA ASP B 63 -18.64 -17.22 -9.95
C ASP B 63 -18.41 -17.93 -11.27
N LEU B 64 -17.19 -18.43 -11.47
CA LEU B 64 -16.85 -19.22 -12.66
C LEU B 64 -17.74 -20.45 -12.73
N ILE B 65 -18.00 -20.95 -13.94
CA ILE B 65 -18.85 -22.13 -14.12
C ILE B 65 -18.31 -23.30 -13.28
N GLY B 66 -19.23 -24.00 -12.61
CA GLY B 66 -18.89 -25.10 -11.70
C GLY B 66 -18.28 -24.67 -10.37
N MSE B 67 -18.32 -23.37 -10.07
CA MSE B 67 -17.73 -22.86 -8.85
C MSE B 67 -18.69 -21.87 -8.18
O MSE B 67 -19.60 -21.35 -8.84
CB MSE B 67 -16.37 -22.21 -9.12
CG MSE B 67 -15.45 -23.09 -9.97
SE MSE B 67 -13.67 -22.36 -10.29
CE MSE B 67 -12.85 -22.71 -8.57
N GLY B 68 -18.49 -21.63 -6.88
CA GLY B 68 -19.40 -20.78 -6.10
C GLY B 68 -20.81 -21.32 -6.22
N ASP B 69 -21.74 -20.43 -6.55
CA ASP B 69 -23.14 -20.81 -6.70
C ASP B 69 -23.54 -20.97 -8.16
N SER B 70 -22.56 -20.97 -9.06
CA SER B 70 -22.85 -21.15 -10.47
C SER B 70 -23.21 -22.62 -10.74
N ALA B 71 -23.84 -22.86 -11.88
CA ALA B 71 -24.28 -24.20 -12.26
C ALA B 71 -23.11 -25.18 -12.39
N LYS B 72 -23.41 -26.48 -12.32
CA LYS B 72 -22.41 -27.52 -12.45
C LYS B 72 -22.70 -28.42 -13.67
N PRO B 73 -22.57 -27.87 -14.90
CA PRO B 73 -22.89 -28.71 -16.05
C PRO B 73 -21.85 -29.83 -16.25
N ASP B 74 -22.20 -30.84 -17.05
CA ASP B 74 -21.30 -31.95 -17.34
C ASP B 74 -20.36 -31.57 -18.50
N ILE B 75 -19.32 -30.81 -18.17
CA ILE B 75 -18.32 -30.33 -19.12
C ILE B 75 -16.92 -30.64 -18.56
N GLU B 76 -15.89 -30.38 -19.36
CA GLU B 76 -14.51 -30.71 -18.99
C GLU B 76 -13.82 -29.72 -18.06
N TYR B 77 -14.35 -28.49 -18.00
CA TYR B 77 -13.83 -27.40 -17.15
C TYR B 77 -12.41 -26.95 -17.49
N ARG B 78 -12.07 -27.03 -18.78
CA ARG B 78 -10.79 -26.53 -19.28
C ARG B 78 -10.88 -25.03 -19.46
N LEU B 79 -9.74 -24.40 -19.76
CA LEU B 79 -9.72 -22.96 -20.04
C LEU B 79 -10.72 -22.57 -21.13
N GLN B 80 -10.73 -23.30 -22.24
CA GLN B 80 -11.65 -22.93 -23.33
C GLN B 80 -13.12 -22.94 -22.88
N ASP B 81 -13.47 -23.83 -21.95
CA ASP B 81 -14.83 -23.87 -21.38
C ASP B 81 -15.12 -22.66 -20.49
N HIS B 82 -14.19 -22.35 -19.60
CA HIS B 82 -14.37 -21.21 -18.68
C HIS B 82 -14.48 -19.89 -19.42
N VAL B 83 -13.66 -19.74 -20.45
CA VAL B 83 -13.64 -18.55 -21.30
C VAL B 83 -15.01 -18.36 -22.01
N ALA B 84 -15.60 -19.45 -22.50
CA ALA B 84 -16.92 -19.36 -23.14
C ALA B 84 -17.98 -18.78 -22.20
N TYR B 85 -18.01 -19.23 -20.95
CA TYR B 85 -19.02 -18.78 -19.99
C TYR B 85 -18.80 -17.34 -19.53
N MSE B 86 -17.55 -16.94 -19.36
CA MSE B 86 -17.25 -15.59 -18.91
C MSE B 86 -17.48 -14.56 -20.01
O MSE B 86 -18.02 -13.48 -19.73
CB MSE B 86 -15.86 -15.48 -18.31
CG MSE B 86 -15.74 -16.07 -16.91
SE MSE B 86 -17.09 -15.42 -15.62
CE MSE B 86 -18.40 -16.87 -15.73
N ASP B 87 -17.09 -14.89 -21.24
CA ASP B 87 -17.42 -14.05 -22.39
C ASP B 87 -18.93 -13.96 -22.58
N GLY B 88 -19.63 -15.08 -22.37
CA GLY B 88 -21.08 -15.12 -22.45
C GLY B 88 -21.72 -14.27 -21.37
N PHE B 89 -21.09 -14.24 -20.19
CA PHE B 89 -21.56 -13.46 -19.05
C PHE B 89 -21.45 -11.96 -19.33
N ILE B 90 -20.29 -11.52 -19.80
CA ILE B 90 -20.04 -10.12 -20.14
C ILE B 90 -21.06 -9.67 -21.17
N ASP B 91 -21.29 -10.55 -22.14
CA ASP B 91 -22.19 -10.29 -23.24
C ASP B 91 -23.65 -10.23 -22.78
N ALA B 92 -24.09 -11.23 -22.03
CA ALA B 92 -25.44 -11.26 -21.48
C ALA B 92 -25.77 -10.00 -20.67
N LEU B 93 -24.81 -9.51 -19.90
CA LEU B 93 -25.02 -8.31 -19.08
C LEU B 93 -24.77 -7.01 -19.84
N GLY B 94 -24.18 -7.12 -21.03
CA GLY B 94 -23.85 -5.96 -21.86
C GLY B 94 -22.83 -5.03 -21.22
N LEU B 95 -21.89 -5.59 -20.47
CA LEU B 95 -20.85 -4.81 -19.81
C LEU B 95 -19.92 -4.19 -20.83
N ASP B 96 -19.57 -2.93 -20.57
CA ASP B 96 -18.74 -2.16 -21.47
C ASP B 96 -17.97 -1.13 -20.64
N ASP B 97 -16.88 -0.61 -21.19
CA ASP B 97 -16.02 0.37 -20.50
C ASP B 97 -15.56 -0.19 -19.14
N MSE B 98 -15.13 -1.44 -19.14
CA MSE B 98 -14.85 -2.21 -17.92
C MSE B 98 -13.47 -1.98 -17.31
O MSE B 98 -12.46 -1.93 -18.01
CB MSE B 98 -14.92 -3.70 -18.21
CG MSE B 98 -16.28 -4.24 -18.48
SE MSE B 98 -16.06 -6.07 -19.11
CE MSE B 98 -15.52 -5.68 -20.95
N VAL B 99 -13.45 -1.90 -15.98
CA VAL B 99 -12.21 -2.07 -15.23
C VAL B 99 -12.16 -3.53 -14.79
N LEU B 100 -11.06 -4.23 -15.12
CA LEU B 100 -10.88 -5.61 -14.66
C LEU B 100 -10.07 -5.65 -13.36
N VAL B 101 -10.53 -6.45 -12.41
CA VAL B 101 -9.77 -6.77 -11.21
C VAL B 101 -9.64 -8.28 -11.17
N ILE B 102 -8.42 -8.78 -11.37
CA ILE B 102 -8.25 -10.19 -11.70
C ILE B 102 -7.12 -10.88 -10.96
N HIS B 103 -7.31 -12.19 -10.76
CA HIS B 103 -6.41 -13.00 -9.96
C HIS B 103 -6.33 -14.43 -10.51
N ASP B 104 -5.14 -15.03 -10.49
CA ASP B 104 -4.97 -16.45 -10.83
C ASP B 104 -5.56 -16.75 -12.23
N TRP B 105 -6.40 -17.78 -12.36
CA TRP B 105 -7.00 -18.08 -13.67
C TRP B 105 -7.94 -16.98 -14.15
N GLY B 106 -8.48 -16.21 -13.21
CA GLY B 106 -9.22 -15.00 -13.53
C GLY B 106 -8.39 -14.03 -14.34
N SER B 107 -7.08 -13.98 -14.08
CA SER B 107 -6.21 -13.11 -14.87
C SER B 107 -6.03 -13.56 -16.31
N VAL B 108 -6.07 -14.88 -16.57
CA VAL B 108 -5.97 -15.38 -17.95
C VAL B 108 -7.27 -15.06 -18.70
N ILE B 109 -8.40 -15.32 -18.06
CA ILE B 109 -9.70 -15.03 -18.65
C ILE B 109 -9.84 -13.51 -18.94
N GLY B 110 -9.46 -12.69 -17.97
CA GLY B 110 -9.59 -11.24 -18.07
C GLY B 110 -8.68 -10.61 -19.11
N MSE B 111 -7.40 -10.94 -19.07
CA MSE B 111 -6.44 -10.40 -20.03
C MSE B 111 -6.77 -10.83 -21.46
O MSE B 111 -6.62 -10.05 -22.40
CB MSE B 111 -5.01 -10.76 -19.66
CG MSE B 111 -4.57 -10.11 -18.36
SE MSE B 111 -2.69 -10.38 -18.02
CE MSE B 111 -2.56 -9.51 -16.26
N ARG B 112 -7.21 -12.08 -21.62
CA ARG B 112 -7.65 -12.56 -22.93
C ARG B 112 -8.77 -11.68 -23.46
N HIS B 113 -9.76 -11.41 -22.61
CA HIS B 113 -10.90 -10.58 -23.01
C HIS B 113 -10.48 -9.17 -23.38
N ALA B 114 -9.59 -8.57 -22.58
CA ALA B 114 -9.02 -7.26 -22.91
C ALA B 114 -8.25 -7.31 -24.24
N ARG B 115 -7.40 -8.32 -24.39
CA ARG B 115 -6.64 -8.56 -25.61
C ARG B 115 -7.53 -8.64 -26.86
N LEU B 116 -8.62 -9.39 -26.75
CA LEU B 116 -9.53 -9.60 -27.88
C LEU B 116 -10.58 -8.50 -28.05
N ASN B 117 -10.83 -7.72 -27.00
CA ASN B 117 -11.77 -6.60 -27.06
C ASN B 117 -11.19 -5.30 -26.47
N PRO B 118 -10.08 -4.79 -27.04
CA PRO B 118 -9.35 -3.67 -26.42
C PRO B 118 -10.16 -2.38 -26.29
N ASP B 119 -11.17 -2.24 -27.14
CA ASP B 119 -12.06 -1.08 -27.12
CA ASP B 119 -12.08 -1.09 -27.14
C ASP B 119 -13.05 -1.13 -25.96
N ARG B 120 -13.12 -2.27 -25.27
CA ARG B 120 -14.10 -2.47 -24.20
C ARG B 120 -13.53 -2.44 -22.79
N VAL B 121 -12.20 -2.48 -22.67
CA VAL B 121 -11.54 -2.52 -21.37
C VAL B 121 -10.78 -1.21 -21.08
N ALA B 122 -11.17 -0.55 -20.00
CA ALA B 122 -10.61 0.75 -19.62
C ALA B 122 -9.27 0.63 -18.88
N ALA B 123 -9.14 -0.40 -18.06
CA ALA B 123 -8.02 -0.55 -17.12
C ALA B 123 -8.04 -1.94 -16.47
N VAL B 124 -6.89 -2.35 -15.93
CA VAL B 124 -6.72 -3.69 -15.38
C VAL B 124 -5.91 -3.67 -14.08
N ALA B 125 -6.50 -4.18 -13.00
CA ALA B 125 -5.79 -4.44 -11.75
C ALA B 125 -5.61 -5.95 -11.65
N PHE B 126 -4.40 -6.37 -11.34
CA PHE B 126 -4.11 -7.78 -11.25
C PHE B 126 -3.18 -8.12 -10.11
N MSE B 127 -3.16 -9.39 -9.74
CA MSE B 127 -2.33 -9.88 -8.66
C MSE B 127 -2.15 -11.38 -8.85
O MSE B 127 -3.11 -12.08 -9.24
CB MSE B 127 -2.97 -9.56 -7.30
CG MSE B 127 -4.35 -10.16 -7.09
SE MSE B 127 -5.49 -8.97 -6.01
CE MSE B 127 -6.03 -7.70 -7.40
N GLU B 128 -0.93 -11.87 -8.61
CA GLU B 128 -0.64 -13.28 -8.68
C GLU B 128 -1.24 -13.88 -9.95
N ALA B 129 -0.88 -13.28 -11.08
CA ALA B 129 -1.45 -13.63 -12.38
C ALA B 129 -0.64 -14.71 -13.09
N LEU B 130 -1.32 -15.50 -13.90
CA LEU B 130 -0.67 -16.43 -14.82
C LEU B 130 -0.38 -15.67 -16.11
N VAL B 131 0.84 -15.14 -16.20
CA VAL B 131 1.25 -14.24 -17.28
C VAL B 131 2.78 -14.25 -17.34
N PRO B 132 3.38 -14.06 -18.53
CA PRO B 132 4.85 -14.00 -18.55
C PRO B 132 5.36 -12.84 -17.70
N PRO B 133 6.55 -12.98 -17.07
CA PRO B 133 7.50 -14.09 -17.16
C PRO B 133 7.23 -15.27 -16.21
N ALA B 134 6.17 -15.20 -15.41
CA ALA B 134 5.85 -16.27 -14.47
C ALA B 134 5.42 -17.56 -15.20
N LEU B 135 4.46 -17.44 -16.10
CA LEU B 135 4.03 -18.58 -16.92
C LEU B 135 4.07 -18.18 -18.38
N PRO B 136 4.20 -19.15 -19.31
CA PRO B 136 4.33 -20.60 -19.12
C PRO B 136 5.70 -20.96 -18.57
N MSE B 137 5.82 -22.18 -18.06
CA MSE B 137 7.09 -22.68 -17.53
C MSE B 137 7.58 -23.85 -18.39
O MSE B 137 6.77 -24.58 -18.97
CB MSE B 137 6.93 -23.10 -16.07
CG MSE B 137 6.96 -21.95 -15.07
SE MSE B 137 8.60 -20.91 -15.28
CE MSE B 137 8.61 -19.91 -13.59
N PRO B 138 8.91 -24.02 -18.51
CA PRO B 138 9.41 -25.12 -19.33
C PRO B 138 9.21 -26.47 -18.65
N SER B 139 9.25 -26.49 -17.33
CA SER B 139 9.12 -27.72 -16.56
C SER B 139 8.61 -27.43 -15.16
N TYR B 140 8.16 -28.47 -14.47
CA TYR B 140 7.72 -28.37 -13.07
C TYR B 140 8.83 -27.81 -12.20
N GLU B 141 10.04 -28.30 -12.44
CA GLU B 141 11.21 -27.96 -11.63
C GLU B 141 11.58 -26.49 -11.79
N ALA B 142 11.23 -25.92 -12.94
CA ALA B 142 11.48 -24.50 -13.21
C ALA B 142 10.52 -23.59 -12.43
N MSE B 143 9.61 -24.20 -11.66
CA MSE B 143 8.66 -23.44 -10.85
C MSE B 143 9.08 -23.40 -9.39
O MSE B 143 8.34 -22.90 -8.53
CB MSE B 143 7.26 -24.04 -10.94
CG MSE B 143 6.77 -24.26 -12.35
SE MSE B 143 4.94 -24.89 -12.34
CE MSE B 143 4.07 -23.17 -11.96
N GLY B 144 10.27 -23.92 -9.10
CA GLY B 144 10.81 -23.94 -7.74
C GLY B 144 10.36 -25.12 -6.89
N PRO B 145 10.91 -25.21 -5.66
CA PRO B 145 10.77 -26.35 -4.76
C PRO B 145 9.36 -26.64 -4.24
N GLN B 146 8.46 -25.65 -4.25
CA GLN B 146 7.12 -25.86 -3.69
C GLN B 146 6.01 -26.12 -4.70
N LEU B 147 5.88 -25.23 -5.68
CA LEU B 147 4.83 -25.34 -6.70
C LEU B 147 5.09 -26.50 -7.65
N GLY B 148 6.36 -26.68 -8.02
CA GLY B 148 6.78 -27.78 -8.89
C GLY B 148 6.24 -29.15 -8.50
N PRO B 149 6.63 -29.66 -7.31
CA PRO B 149 6.16 -30.96 -6.82
C PRO B 149 4.65 -31.02 -6.67
N LEU B 150 4.07 -29.93 -6.19
CA LEU B 150 2.62 -29.82 -6.03
C LEU B 150 1.88 -29.97 -7.36
N PHE B 151 2.24 -29.14 -8.34
CA PHE B 151 1.61 -29.25 -9.66
C PHE B 151 1.91 -30.60 -10.33
N ARG B 152 3.12 -31.11 -10.16
CA ARG B 152 3.46 -32.43 -10.69
C ARG B 152 2.50 -33.52 -10.17
N ASP B 153 2.25 -33.52 -8.85
CA ASP B 153 1.33 -34.49 -8.22
C ASP B 153 -0.12 -34.35 -8.69
N LEU B 154 -0.63 -33.13 -8.69
CA LEU B 154 -2.00 -32.87 -9.09
C LEU B 154 -2.24 -33.24 -10.56
N ARG B 155 -1.20 -33.09 -11.36
CA ARG B 155 -1.26 -33.40 -12.80
C ARG B 155 -0.98 -34.88 -13.14
N THR B 156 -0.67 -35.69 -12.12
CA THR B 156 -0.47 -37.13 -12.31
C THR B 156 -1.82 -37.85 -12.29
N ALA B 157 -2.04 -38.69 -13.29
CA ALA B 157 -3.25 -39.51 -13.37
C ALA B 157 -3.41 -40.34 -12.09
N ASP B 158 -4.65 -40.43 -11.61
CA ASP B 158 -5.00 -41.21 -10.41
C ASP B 158 -4.62 -40.50 -9.10
N VAL B 159 -3.38 -40.04 -9.02
CA VAL B 159 -2.88 -39.32 -7.84
C VAL B 159 -3.66 -38.01 -7.58
N GLY B 160 -3.79 -37.19 -8.62
CA GLY B 160 -4.53 -35.93 -8.51
C GLY B 160 -5.99 -36.17 -8.16
N GLU B 161 -6.58 -37.19 -8.78
CA GLU B 161 -7.95 -37.60 -8.49
C GLU B 161 -8.14 -37.93 -7.01
N LYS B 162 -7.26 -38.76 -6.45
CA LYS B 162 -7.34 -39.11 -5.02
C LYS B 162 -7.20 -37.89 -4.12
N MSE B 163 -6.21 -37.05 -4.40
CA MSE B 163 -5.97 -35.85 -3.58
C MSE B 163 -7.12 -34.85 -3.68
O MSE B 163 -7.61 -34.38 -2.66
CB MSE B 163 -4.66 -35.18 -3.96
CG MSE B 163 -3.43 -36.01 -3.62
SE MSE B 163 -1.83 -35.24 -4.38
CE MSE B 163 -1.45 -33.91 -3.01
N VAL B 164 -7.54 -34.55 -4.89
CA VAL B 164 -8.49 -33.46 -5.11
C VAL B 164 -9.95 -33.92 -5.12
N LEU B 165 -10.27 -34.95 -5.90
CA LEU B 165 -11.66 -35.40 -5.99
C LEU B 165 -12.12 -36.14 -4.74
N ASP B 166 -11.31 -37.08 -4.26
CA ASP B 166 -11.67 -37.80 -3.03
C ASP B 166 -11.50 -36.95 -1.78
N GLY B 167 -10.44 -36.16 -1.74
CA GLY B 167 -10.04 -35.49 -0.50
C GLY B 167 -10.28 -34.00 -0.40
N ASN B 168 -10.59 -33.37 -1.53
CA ASN B 168 -10.80 -31.91 -1.61
C ASN B 168 -9.56 -31.10 -1.20
N PHE B 169 -8.39 -31.64 -1.56
CA PHE B 169 -7.07 -31.10 -1.18
C PHE B 169 -6.89 -29.61 -1.50
N PHE B 170 -7.35 -29.17 -2.66
CA PHE B 170 -7.10 -27.78 -3.05
C PHE B 170 -7.80 -26.81 -2.09
N VAL B 171 -9.05 -27.15 -1.75
CA VAL B 171 -9.87 -26.33 -0.87
C VAL B 171 -9.42 -26.43 0.58
N GLU B 172 -9.15 -27.66 1.03
CA GLU B 172 -8.92 -27.92 2.45
C GLU B 172 -7.50 -27.68 2.93
N THR B 173 -6.53 -27.71 2.02
CA THR B 173 -5.13 -27.55 2.45
C THR B 173 -4.39 -26.48 1.66
N ILE B 174 -4.40 -26.56 0.33
CA ILE B 174 -3.66 -25.59 -0.48
C ILE B 174 -4.11 -24.17 -0.23
N LEU B 175 -5.43 -23.93 -0.24
CA LEU B 175 -5.96 -22.60 0.00
C LEU B 175 -5.62 -22.05 1.41
N PRO B 176 -6.07 -22.72 2.50
CA PRO B 176 -5.86 -22.16 3.85
C PRO B 176 -4.44 -22.26 4.41
N GLU B 177 -3.68 -23.30 4.03
CA GLU B 177 -2.35 -23.51 4.60
C GLU B 177 -1.24 -22.92 3.75
N MSE B 178 -1.25 -23.21 2.45
CA MSE B 178 -0.17 -22.78 1.57
C MSE B 178 -0.40 -21.39 0.95
O MSE B 178 0.54 -20.64 0.73
CB MSE B 178 0.07 -23.81 0.47
CG MSE B 178 0.29 -25.22 1.01
SE MSE B 178 0.55 -26.52 -0.41
CE MSE B 178 2.33 -25.98 -0.98
N GLY B 179 -1.66 -21.05 0.69
CA GLY B 179 -1.98 -19.84 -0.06
C GLY B 179 -2.39 -18.64 0.77
N VAL B 180 -2.58 -18.84 2.06
CA VAL B 180 -2.98 -17.75 2.95
C VAL B 180 -2.04 -17.75 4.15
N VAL B 181 -1.56 -16.57 4.54
CA VAL B 181 -0.62 -16.44 5.66
C VAL B 181 -1.38 -16.58 6.98
N ARG B 182 -2.44 -15.78 7.15
CA ARG B 182 -3.30 -15.87 8.33
C ARG B 182 -4.09 -17.18 8.37
N SER B 183 -4.82 -17.37 9.46
CA SER B 183 -5.63 -18.56 9.64
C SER B 183 -7.09 -18.26 9.28
N LEU B 184 -7.60 -18.87 8.21
CA LEU B 184 -9.01 -18.73 7.85
C LEU B 184 -9.92 -19.27 8.96
N SER B 185 -11.03 -18.58 9.20
CA SER B 185 -11.99 -18.98 10.25
C SER B 185 -12.88 -20.11 9.77
N GLU B 186 -13.63 -20.71 10.70
CA GLU B 186 -14.58 -21.79 10.37
C GLU B 186 -15.65 -21.36 9.38
N ALA B 187 -16.19 -20.16 9.56
CA ALA B 187 -17.17 -19.60 8.64
C ALA B 187 -16.58 -19.40 7.23
N GLU B 188 -15.36 -18.87 7.16
CA GLU B 188 -14.66 -18.70 5.89
C GLU B 188 -14.42 -20.04 5.16
N MSE B 189 -14.00 -21.06 5.91
CA MSE B 189 -13.80 -22.40 5.35
C MSE B 189 -15.13 -23.04 4.94
O MSE B 189 -15.18 -23.79 3.96
CB MSE B 189 -13.03 -23.31 6.31
CG MSE B 189 -11.52 -23.03 6.36
SE MSE B 189 -10.68 -22.94 4.60
CE MSE B 189 -11.21 -24.68 3.87
N ALA B 190 -16.20 -22.74 5.68
CA ALA B 190 -17.51 -23.23 5.31
C ALA B 190 -17.91 -22.69 3.94
N ALA B 191 -17.66 -21.39 3.72
CA ALA B 191 -17.97 -20.74 2.45
C ALA B 191 -17.14 -21.28 1.28
N TYR B 192 -15.87 -21.56 1.53
CA TYR B 192 -15.00 -22.07 0.47
C TYR B 192 -15.27 -23.53 0.10
N ARG B 193 -15.68 -24.35 1.07
CA ARG B 193 -15.96 -25.77 0.78
C ARG B 193 -17.40 -26.05 0.34
N ALA B 194 -18.31 -25.09 0.54
CA ALA B 194 -19.73 -25.26 0.22
C ALA B 194 -20.04 -25.69 -1.22
N PRO B 195 -19.32 -25.15 -2.22
CA PRO B 195 -19.60 -25.58 -3.60
C PRO B 195 -19.14 -27.00 -3.91
N PHE B 196 -18.37 -27.60 -3.01
CA PHE B 196 -17.67 -28.85 -3.31
C PHE B 196 -17.93 -30.01 -2.32
N PRO B 197 -19.22 -30.37 -2.11
CA PRO B 197 -19.50 -31.44 -1.13
C PRO B 197 -19.27 -32.86 -1.65
N THR B 198 -19.22 -33.05 -2.97
CA THR B 198 -19.10 -34.37 -3.58
C THR B 198 -17.82 -34.52 -4.40
N ARG B 199 -17.43 -35.77 -4.62
CA ARG B 199 -16.27 -36.09 -5.44
C ARG B 199 -16.37 -35.40 -6.80
N GLN B 200 -17.50 -35.60 -7.49
CA GLN B 200 -17.70 -35.06 -8.83
C GLN B 200 -17.73 -33.52 -8.87
N SER B 201 -18.28 -32.89 -7.85
CA SER B 201 -18.37 -31.43 -7.83
C SER B 201 -16.98 -30.78 -7.84
N ARG B 202 -15.95 -31.54 -7.48
CA ARG B 202 -14.59 -31.02 -7.32
C ARG B 202 -13.77 -30.96 -8.60
N LEU B 203 -14.30 -31.51 -9.70
CA LEU B 203 -13.56 -31.56 -10.97
C LEU B 203 -12.92 -30.23 -11.38
N PRO B 204 -13.66 -29.11 -11.28
CA PRO B 204 -13.02 -27.84 -11.63
C PRO B 204 -11.73 -27.54 -10.86
N THR B 205 -11.65 -27.93 -9.59
CA THR B 205 -10.47 -27.62 -8.75
C THR B 205 -9.28 -28.52 -9.05
N LEU B 206 -9.52 -29.58 -9.81
CA LEU B 206 -8.48 -30.49 -10.27
C LEU B 206 -8.10 -30.18 -11.71
N GLN B 207 -9.07 -29.79 -12.53
CA GLN B 207 -8.77 -29.46 -13.91
C GLN B 207 -7.91 -28.19 -14.00
N TRP B 208 -8.19 -27.21 -13.15
CA TRP B 208 -7.49 -25.92 -13.21
C TRP B 208 -5.96 -26.05 -13.12
N PRO B 209 -5.42 -26.78 -12.12
CA PRO B 209 -3.97 -26.98 -12.09
C PRO B 209 -3.44 -27.79 -13.28
N ARG B 210 -4.31 -28.62 -13.86
CA ARG B 210 -3.95 -29.37 -15.06
C ARG B 210 -4.03 -28.51 -16.33
N GLU B 211 -4.53 -27.28 -16.18
CA GLU B 211 -4.59 -26.32 -17.28
C GLU B 211 -3.36 -25.42 -17.35
N VAL B 212 -2.59 -25.39 -16.27
CA VAL B 212 -1.42 -24.50 -16.19
C VAL B 212 -0.42 -24.92 -17.28
N PRO B 213 0.04 -23.94 -18.10
CA PRO B 213 0.94 -24.25 -19.20
C PRO B 213 2.36 -24.57 -18.74
N ILE B 214 2.70 -25.85 -18.75
CA ILE B 214 4.02 -26.33 -18.34
C ILE B 214 4.55 -27.30 -19.39
N GLY B 215 5.75 -27.06 -19.89
CA GLY B 215 6.33 -27.88 -20.95
C GLY B 215 5.50 -27.93 -22.23
N GLY B 216 4.72 -26.89 -22.48
CA GLY B 216 3.84 -26.84 -23.66
C GLY B 216 2.49 -27.51 -23.49
N GLU B 217 2.19 -27.97 -22.28
CA GLU B 217 0.92 -28.65 -22.01
C GLU B 217 0.07 -27.95 -20.96
N PRO B 218 -1.21 -27.69 -21.27
CA PRO B 218 -1.83 -27.94 -22.59
C PRO B 218 -1.54 -26.80 -23.59
N ALA B 219 -1.56 -27.13 -24.87
CA ALA B 219 -1.23 -26.17 -25.94
C ALA B 219 -2.10 -24.91 -25.93
N PHE B 220 -3.41 -25.08 -25.73
CA PHE B 220 -4.33 -23.95 -25.79
C PHE B 220 -4.04 -22.90 -24.70
N ALA B 221 -3.89 -23.35 -23.45
CA ALA B 221 -3.58 -22.44 -22.35
C ALA B 221 -2.25 -21.76 -22.54
N GLU B 222 -1.28 -22.50 -23.10
CA GLU B 222 0.03 -21.92 -23.37
C GLU B 222 -0.06 -20.74 -24.33
N ALA B 223 -0.73 -20.96 -25.47
CA ALA B 223 -0.90 -19.92 -26.46
C ALA B 223 -1.60 -18.70 -25.86
N GLU B 224 -2.70 -18.92 -25.16
CA GLU B 224 -3.44 -17.83 -24.52
C GLU B 224 -2.60 -17.02 -23.54
N VAL B 225 -1.86 -17.71 -22.66
CA VAL B 225 -1.01 -17.03 -21.67
C VAL B 225 0.09 -16.22 -22.37
N LEU B 226 0.73 -16.82 -23.39
CA LEU B 226 1.75 -16.11 -24.16
C LEU B 226 1.19 -14.85 -24.83
N LYS B 227 0.03 -14.98 -25.46
CA LYS B 227 -0.63 -13.86 -26.14
C LYS B 227 -1.05 -12.76 -25.15
N ASN B 228 -1.48 -13.17 -23.96
CA ASN B 228 -1.76 -12.23 -22.87
C ASN B 228 -0.53 -11.43 -22.45
N GLY B 229 0.62 -12.10 -22.40
CA GLY B 229 1.90 -11.45 -22.11
C GLY B 229 2.25 -10.36 -23.10
N GLU B 230 2.05 -10.64 -24.39
CA GLU B 230 2.27 -9.67 -25.46
C GLU B 230 1.36 -8.46 -25.33
N TRP B 231 0.06 -8.72 -25.12
CA TRP B 231 -0.91 -7.64 -24.87
C TRP B 231 -0.48 -6.76 -23.69
N LEU B 232 -0.14 -7.42 -22.58
CA LEU B 232 0.28 -6.74 -21.35
C LEU B 232 1.45 -5.76 -21.57
N MSE B 233 2.45 -6.21 -22.32
CA MSE B 233 3.67 -5.43 -22.58
C MSE B 233 3.45 -4.27 -23.57
O MSE B 233 4.27 -3.35 -23.62
CB MSE B 233 4.80 -6.32 -23.11
CG MSE B 233 5.21 -7.50 -22.21
SE MSE B 233 5.56 -7.04 -20.34
CE MSE B 233 5.42 -8.85 -19.61
N ALA B 234 2.39 -4.33 -24.36
CA ALA B 234 2.16 -3.33 -25.41
C ALA B 234 1.00 -2.38 -25.11
N SER B 235 0.05 -2.82 -24.29
CA SER B 235 -1.14 -2.04 -23.99
C SER B 235 -0.85 -0.74 -23.23
N PRO B 236 -1.43 0.38 -23.70
CA PRO B 236 -1.27 1.69 -23.06
C PRO B 236 -2.14 1.94 -21.81
N ILE B 237 -3.16 1.12 -21.60
CA ILE B 237 -4.13 1.39 -20.52
C ILE B 237 -3.54 1.36 -19.09
N PRO B 238 -4.13 2.13 -18.17
CA PRO B 238 -3.69 2.12 -16.77
C PRO B 238 -3.77 0.72 -16.17
N LYS B 239 -2.71 0.31 -15.48
CA LYS B 239 -2.65 -1.01 -14.85
C LYS B 239 -2.20 -0.89 -13.40
N LEU B 240 -2.66 -1.82 -12.57
CA LEU B 240 -2.26 -1.87 -11.18
C LEU B 240 -1.91 -3.30 -10.78
N LEU B 241 -0.77 -3.45 -10.13
CA LEU B 241 -0.34 -4.74 -9.63
C LEU B 241 -0.17 -4.71 -8.12
N PHE B 242 -0.79 -5.68 -7.45
CA PHE B 242 -0.51 -5.98 -6.05
C PHE B 242 0.37 -7.21 -5.93
N HIS B 243 1.31 -7.20 -5.00
CA HIS B 243 2.21 -8.35 -4.83
C HIS B 243 2.64 -8.50 -3.37
N ALA B 244 3.11 -9.69 -3.02
CA ALA B 244 3.44 -9.99 -1.64
C ALA B 244 4.77 -10.74 -1.51
N GLU B 245 5.28 -10.78 -0.29
CA GLU B 245 6.52 -11.49 0.01
C GLU B 245 6.17 -12.73 0.87
N PRO B 246 6.60 -13.93 0.44
CA PRO B 246 7.39 -14.20 -0.77
C PRO B 246 6.61 -14.21 -2.07
N GLY B 247 5.28 -14.23 -2.00
CA GLY B 247 4.44 -14.46 -3.18
C GLY B 247 4.44 -15.93 -3.61
N ALA B 248 3.76 -16.23 -4.71
CA ALA B 248 3.81 -17.57 -5.27
C ALA B 248 4.04 -17.50 -6.78
N LEU B 249 3.02 -17.09 -7.53
CA LEU B 249 3.16 -16.90 -8.97
C LEU B 249 3.97 -15.65 -9.28
N ALA B 250 3.97 -14.67 -8.37
CA ALA B 250 4.70 -13.43 -8.60
C ALA B 250 5.70 -13.09 -7.49
N PRO B 251 6.82 -13.84 -7.40
CA PRO B 251 7.85 -13.43 -6.45
C PRO B 251 8.53 -12.15 -6.92
N LYS B 252 9.46 -11.64 -6.12
CA LYS B 252 10.13 -10.37 -6.41
C LYS B 252 10.71 -10.24 -7.84
N PRO B 253 11.42 -11.27 -8.33
CA PRO B 253 12.02 -11.07 -9.67
C PRO B 253 10.99 -10.94 -10.79
N VAL B 254 9.83 -11.58 -10.64
CA VAL B 254 8.72 -11.40 -11.58
C VAL B 254 8.19 -9.96 -11.51
N VAL B 255 8.03 -9.47 -10.29
CA VAL B 255 7.52 -8.11 -10.06
C VAL B 255 8.48 -7.05 -10.60
N ASP B 256 9.78 -7.24 -10.37
CA ASP B 256 10.83 -6.33 -10.85
C ASP B 256 10.77 -6.23 -12.38
N TYR B 257 10.64 -7.38 -13.03
CA TYR B 257 10.49 -7.42 -14.47
C TYR B 257 9.23 -6.69 -14.93
N LEU B 258 8.09 -6.98 -14.30
CA LEU B 258 6.83 -6.32 -14.69
C LEU B 258 6.89 -4.80 -14.49
N SER B 259 7.47 -4.35 -13.39
CA SER B 259 7.56 -2.92 -13.11
CA SER B 259 7.60 -2.92 -13.08
C SER B 259 8.45 -2.20 -14.12
N GLU B 260 9.38 -2.94 -14.72
CA GLU B 260 10.33 -2.37 -15.70
C GLU B 260 9.82 -2.39 -17.14
N ASN B 261 8.90 -3.30 -17.45
CA ASN B 261 8.55 -3.58 -18.84
C ASN B 261 7.07 -3.36 -19.20
N VAL B 262 6.19 -3.36 -18.20
CA VAL B 262 4.77 -3.15 -18.44
C VAL B 262 4.45 -1.66 -18.48
N PRO B 263 3.88 -1.18 -19.60
CA PRO B 263 3.55 0.25 -19.69
C PRO B 263 2.47 0.65 -18.68
N ASN B 264 2.61 1.85 -18.12
CA ASN B 264 1.56 2.48 -17.32
C ASN B 264 1.14 1.64 -16.09
N LEU B 265 2.12 1.03 -15.44
CA LEU B 265 1.86 0.11 -14.33
C LEU B 265 2.17 0.77 -12.99
N GLU B 266 1.16 0.78 -12.12
CA GLU B 266 1.32 1.15 -10.71
C GLU B 266 1.48 -0.13 -9.90
N VAL B 267 2.46 -0.15 -9.00
CA VAL B 267 2.76 -1.34 -8.20
C VAL B 267 2.56 -1.05 -6.72
N ARG B 268 1.76 -1.90 -6.07
CA ARG B 268 1.54 -1.79 -4.62
C ARG B 268 1.91 -3.07 -3.86
N PHE B 269 2.97 -2.99 -3.07
CA PHE B 269 3.42 -4.07 -2.22
C PHE B 269 2.47 -4.11 -1.04
N VAL B 270 2.03 -5.31 -0.65
CA VAL B 270 1.07 -5.45 0.45
C VAL B 270 1.69 -6.06 1.71
N GLY B 271 2.97 -6.40 1.66
CA GLY B 271 3.61 -7.07 2.79
C GLY B 271 3.57 -8.59 2.63
N ALA B 272 3.34 -9.28 3.73
CA ALA B 272 3.43 -10.74 3.76
C ALA B 272 2.26 -11.43 3.08
N GLY B 273 2.57 -12.38 2.22
CA GLY B 273 1.54 -13.17 1.56
C GLY B 273 2.14 -14.11 0.54
N THR B 274 1.35 -15.11 0.15
CA THR B 274 1.78 -16.03 -0.89
C THR B 274 0.89 -15.85 -2.14
N HIS B 275 -0.29 -16.46 -2.15
CA HIS B 275 -1.14 -16.46 -3.36
C HIS B 275 -2.46 -15.71 -3.22
N PHE B 276 -3.25 -16.05 -2.22
CA PHE B 276 -4.57 -15.43 -2.05
C PHE B 276 -4.45 -14.16 -1.22
N LEU B 277 -3.89 -13.12 -1.85
CA LEU B 277 -3.54 -11.88 -1.15
C LEU B 277 -4.75 -11.16 -0.63
N GLN B 278 -5.89 -11.42 -1.25
CA GLN B 278 -7.17 -10.86 -0.84
C GLN B 278 -7.53 -11.22 0.58
N GLU B 279 -7.13 -12.42 1.03
CA GLU B 279 -7.42 -12.85 2.41
C GLU B 279 -6.49 -12.21 3.43
N ASP B 280 -5.27 -11.90 3.02
CA ASP B 280 -4.30 -11.33 3.97
C ASP B 280 -4.35 -9.82 4.05
N HIS B 281 -4.69 -9.16 2.95
CA HIS B 281 -4.62 -7.71 2.90
C HIS B 281 -5.78 -7.09 2.12
N PRO B 282 -7.03 -7.42 2.50
CA PRO B 282 -8.16 -6.94 1.70
C PRO B 282 -8.29 -5.42 1.69
N HIS B 283 -7.98 -4.77 2.82
CA HIS B 283 -8.14 -3.33 2.93
C HIS B 283 -7.09 -2.55 2.13
N LEU B 284 -5.84 -3.04 2.11
CA LEU B 284 -4.83 -2.45 1.24
C LEU B 284 -5.23 -2.58 -0.23
N ILE B 285 -5.70 -3.76 -0.62
CA ILE B 285 -6.09 -4.01 -2.02
C ILE B 285 -7.30 -3.15 -2.39
N GLY B 286 -8.35 -3.19 -1.57
CA GLY B 286 -9.51 -2.35 -1.76
C GLY B 286 -9.22 -0.86 -1.86
N GLN B 287 -8.49 -0.33 -0.87
CA GLN B 287 -8.11 1.08 -0.86
C GLN B 287 -7.23 1.41 -2.07
N GLY B 288 -6.34 0.49 -2.44
CA GLY B 288 -5.46 0.70 -3.58
C GLY B 288 -6.19 0.83 -4.90
N ILE B 289 -7.16 -0.04 -5.15
CA ILE B 289 -7.96 0.01 -6.38
C ILE B 289 -8.76 1.31 -6.47
N ALA B 290 -9.43 1.67 -5.38
CA ALA B 290 -10.19 2.93 -5.29
C ALA B 290 -9.32 4.15 -5.57
N ASP B 291 -8.15 4.22 -4.94
CA ASP B 291 -7.24 5.35 -5.11
C ASP B 291 -6.74 5.48 -6.55
N TRP B 292 -6.34 4.35 -7.13
CA TRP B 292 -5.86 4.26 -8.51
C TRP B 292 -6.97 4.64 -9.52
N LEU B 293 -8.20 4.25 -9.23
CA LEU B 293 -9.34 4.68 -10.03
C LEU B 293 -9.64 6.18 -9.90
N ARG B 294 -9.56 6.67 -8.67
CA ARG B 294 -9.80 8.09 -8.39
C ARG B 294 -8.84 8.97 -9.21
N ARG B 295 -7.56 8.63 -9.23
CA ARG B 295 -6.55 9.44 -9.94
C ARG B 295 -6.61 9.25 -11.46
N ASN B 296 -6.74 8.01 -11.91
CA ASN B 296 -6.69 7.75 -13.35
C ASN B 296 -7.99 7.98 -14.11
N LYS B 297 -9.13 7.81 -13.41
CA LYS B 297 -10.48 7.85 -14.02
C LYS B 297 -10.51 7.25 -15.43
N PRO B 298 -10.12 5.96 -15.56
CA PRO B 298 -9.89 5.37 -16.88
C PRO B 298 -11.17 5.08 -17.65
N HIS B 299 -11.13 5.29 -18.97
CA HIS B 299 -12.21 4.93 -19.88
C HIS B 299 -11.64 4.31 -21.14
N ALA B 300 -12.37 3.35 -21.72
CA ALA B 300 -11.90 2.65 -22.91
C ALA B 300 -12.12 3.43 -24.20
N SER B 301 -11.42 3.02 -25.26
CA SER B 301 -11.69 3.42 -26.67
C SER B 301 -10.53 3.04 -27.59
CL CL C . 6.62 -3.08 5.96
CL CL D . 4.96 17.15 19.51
C1 MLI E . 1.46 9.68 19.63
C2 MLI E . 1.32 11.08 19.09
C3 MLI E . 0.18 8.88 19.54
O6 MLI E . 0.29 11.74 19.33
O7 MLI E . 2.26 11.56 18.41
O8 MLI E . -0.79 9.18 20.25
O9 MLI E . 0.13 7.92 18.74
CL CL F . -5.57 -5.12 4.92
CL CL G . -4.67 -23.93 -10.61
C1 MLI H . -1.92 -21.80 -4.97
C2 MLI H . -1.42 -21.49 -6.36
C3 MLI H . -0.77 -21.89 -3.99
O6 MLI H . -2.04 -21.91 -7.34
O7 MLI H . -0.38 -20.80 -6.47
O8 MLI H . 0.06 -22.82 -4.12
O9 MLI H . -0.67 -21.05 -3.07
#